data_9HUH
#
_entry.id   9HUH
#
_cell.length_a   1.00
_cell.length_b   1.00
_cell.length_c   1.00
_cell.angle_alpha   90.00
_cell.angle_beta   90.00
_cell.angle_gamma   90.00
#
_symmetry.space_group_name_H-M   'P 1'
#
loop_
_entity.id
_entity.type
_entity.pdbx_description
1 polymer 'Protein-arginine deiminase type-4'
2 non-polymer 'CALCIUM ION'
3 water water
#
_entity_poly.entity_id   1
_entity_poly.type   'polypeptide(L)'
_entity_poly.pdbx_seq_one_letter_code
;MGHHHHHHHHHHHMAQGTLIRVTPEQPTHAVCVLGTLTQLDICSSAPEDCTSFSINASPGVVVDIAHGPPAKKKSTGSST
WPLDPGVEVTLTMKVASGSTGDQKVQISYYGPKTPPVKALLYLTGVEISLCADITRTGKVKPTRAVKDQRTWTWGPCGQG
AILLVNCDRDNLESSAMDCEDDEVLDSEDLQDMSLMTLSTKTPKDFFTNHTLVLHVARSEMDKVRVFQATRGKLSSKCSV
VLGPKWPSHYLMVPGGKHNMDFYVEALAFPDTDFPGLITLTISLLDTSNLELPEAVVFQDSVVFRVAPWIMTPNTQPPQE
VYACSIFENEDFLKSVTTLAMKAKCKLTICPEEENMDDQWMQDEMEIGYIQAPHKTLPVVFDSPRNRGLKEFPIKRVMGP
DFGYVTRGPQTGGISGLDSFGNLEVSPPVTVRGKEYPLGRILFGDSCYPSNDSRQMHQALQDFLSAQQVQAPVKLYSDWL
SVGHVDEFLSFVPAPDRKGFRLLLASPRSCYKLFQEQQNEGHGEALLFEGIKKKKQQKIKNILSNKTLREHNSFVERCID
WNRELLKRELGLAESDIIDIPQLFKLKEFSKAEAFFPNMVNMLVLGKHLGIPKPFGPVINGRCCLEEKVCSLLEPLGLQC
TFINDFFTYHIRHGEVHCGTNVRRKPFSFKWWNMVP
;
_entity_poly.pdbx_strand_id   A,B
#
loop_
_chem_comp.id
_chem_comp.type
_chem_comp.name
_chem_comp.formula
CA non-polymer 'CALCIUM ION' 'Ca 2'
#
# COMPACT_ATOMS: atom_id res chain seq x y z
N ALA A 15 22.98 -4.18 -11.74
CA ALA A 15 24.14 -3.46 -11.25
C ALA A 15 24.54 -3.96 -9.87
N GLN A 16 24.76 -5.28 -9.75
CA GLN A 16 25.12 -5.86 -8.48
C GLN A 16 26.61 -6.11 -8.44
N GLY A 17 27.15 -6.95 -9.32
CA GLY A 17 28.57 -7.28 -9.27
C GLY A 17 28.92 -8.24 -8.16
N THR A 18 30.22 -8.50 -8.02
CA THR A 18 30.73 -9.45 -7.04
C THR A 18 32.06 -8.93 -6.49
N LEU A 19 32.79 -9.81 -5.81
CA LEU A 19 34.04 -9.47 -5.15
C LEU A 19 35.19 -10.27 -5.75
N ILE A 20 36.33 -9.61 -5.94
CA ILE A 20 37.53 -10.25 -6.47
C ILE A 20 38.57 -10.31 -5.37
N ARG A 21 39.07 -11.51 -5.09
CA ARG A 21 40.10 -11.73 -4.09
C ARG A 21 41.38 -12.14 -4.79
N VAL A 22 42.49 -11.48 -4.45
CA VAL A 22 43.77 -11.69 -5.10
C VAL A 22 44.68 -12.45 -4.16
N THR A 23 45.41 -13.43 -4.69
CA THR A 23 46.34 -14.23 -3.93
C THR A 23 47.70 -14.23 -4.62
N PRO A 24 48.79 -13.97 -3.89
CA PRO A 24 50.12 -14.03 -4.50
C PRO A 24 50.48 -15.41 -5.04
N GLU A 25 49.89 -16.47 -4.49
CA GLU A 25 50.24 -17.83 -4.87
C GLU A 25 49.94 -18.10 -6.34
N GLN A 26 48.76 -17.72 -6.78
CA GLN A 26 48.36 -17.95 -8.16
C GLN A 26 47.71 -16.72 -8.76
N PRO A 27 47.87 -16.48 -10.05
CA PRO A 27 47.14 -15.38 -10.69
C PRO A 27 45.65 -15.65 -10.72
N THR A 28 44.87 -14.57 -10.71
CA THR A 28 43.42 -14.63 -10.65
C THR A 28 42.81 -14.04 -11.92
N HIS A 29 41.68 -14.59 -12.33
CA HIS A 29 40.93 -14.10 -13.47
C HIS A 29 39.55 -13.66 -13.02
N ALA A 30 39.07 -12.56 -13.59
CA ALA A 30 37.78 -12.01 -13.19
C ALA A 30 37.16 -11.26 -14.35
N VAL A 31 35.85 -11.09 -14.27
CA VAL A 31 35.05 -10.37 -15.26
C VAL A 31 34.50 -9.14 -14.57
N CYS A 32 34.78 -7.96 -15.12
CA CYS A 32 34.27 -6.71 -14.57
C CYS A 32 33.35 -6.07 -15.59
N VAL A 33 32.04 -6.11 -15.33
CA VAL A 33 31.09 -5.44 -16.20
C VAL A 33 31.26 -3.93 -16.06
N LEU A 34 31.06 -3.21 -17.16
CA LEU A 34 31.33 -1.79 -17.19
C LEU A 34 30.26 -1.01 -16.42
N GLY A 35 30.69 -0.03 -15.64
CA GLY A 35 29.80 0.79 -14.86
C GLY A 35 29.53 0.29 -13.47
N THR A 36 30.03 -0.89 -13.11
CA THR A 36 29.85 -1.46 -11.78
C THR A 36 31.14 -1.32 -11.00
N LEU A 37 31.05 -0.72 -9.82
CA LEU A 37 32.21 -0.46 -8.97
C LEU A 37 32.53 -1.74 -8.21
N THR A 38 33.60 -2.43 -8.60
CA THR A 38 33.89 -3.76 -8.07
C THR A 38 34.92 -3.68 -6.95
N GLN A 39 34.59 -4.26 -5.81
CA GLN A 39 35.50 -4.27 -4.67
C GLN A 39 36.62 -5.28 -4.87
N LEU A 40 37.82 -4.92 -4.45
CA LEU A 40 39.00 -5.77 -4.56
C LEU A 40 39.48 -6.07 -3.14
N ASP A 41 39.69 -7.36 -2.84
CA ASP A 41 40.19 -7.76 -1.51
C ASP A 41 41.73 -7.85 -1.58
N ILE A 42 42.42 -6.86 -1.02
CA ILE A 42 43.91 -6.81 -1.11
C ILE A 42 44.53 -7.11 0.26
N CYS A 43 43.72 -7.44 1.27
CA CYS A 43 44.27 -7.61 2.64
C CYS A 43 44.09 -9.06 3.13
N SER A 44 42.89 -9.61 2.99
CA SER A 44 42.62 -10.98 3.53
C SER A 44 43.72 -11.95 3.10
N SER A 45 44.13 -11.89 1.84
CA SER A 45 45.16 -12.85 1.34
C SER A 45 46.46 -12.12 1.02
N ALA A 46 47.04 -11.41 1.99
CA ALA A 46 48.35 -10.78 1.73
C ALA A 46 49.44 -11.49 2.51
N PRO A 47 50.73 -11.38 2.11
CA PRO A 47 51.81 -11.95 2.90
C PRO A 47 51.71 -11.44 4.34
N GLU A 48 52.16 -12.24 5.31
CA GLU A 48 51.99 -11.88 6.75
C GLU A 48 52.97 -10.79 7.20
N ASP A 49 53.87 -10.33 6.33
CA ASP A 49 54.90 -9.38 6.80
C ASP A 49 54.67 -7.98 6.22
N CYS A 50 53.69 -7.83 5.34
CA CYS A 50 53.49 -6.53 4.64
C CYS A 50 52.88 -5.48 5.55
N THR A 51 53.02 -4.20 5.18
CA THR A 51 52.38 -3.08 5.91
C THR A 51 52.05 -2.05 4.84
N SER A 52 52.54 -2.30 3.62
CA SER A 52 52.34 -1.34 2.51
C SER A 52 51.83 -2.10 1.29
N PHE A 53 51.16 -1.40 0.38
CA PHE A 53 50.68 -2.04 -0.87
C PHE A 53 50.49 -0.97 -1.94
N SER A 54 50.59 -1.35 -3.21
CA SER A 54 50.44 -0.38 -4.33
C SER A 54 49.82 -1.11 -5.52
N ILE A 55 49.29 -0.37 -6.49
CA ILE A 55 48.58 -1.04 -7.62
C ILE A 55 48.97 -0.39 -8.95
N ASN A 56 49.71 -1.10 -9.80
CA ASN A 56 50.03 -0.59 -11.15
C ASN A 56 49.12 -1.31 -12.14
N ALA A 57 48.41 -0.57 -13.01
CA ALA A 57 47.43 -1.22 -13.90
C ALA A 57 47.51 -0.65 -15.32
N SER A 58 46.94 -1.36 -16.30
CA SER A 58 46.90 -0.87 -17.70
C SER A 58 46.10 0.45 -17.75
N PRO A 59 46.25 1.29 -18.79
CA PRO A 59 45.58 2.60 -18.81
C PRO A 59 44.05 2.51 -18.72
N GLY A 60 43.48 1.31 -18.85
CA GLY A 60 42.02 1.16 -18.83
C GLY A 60 41.47 0.90 -17.44
N VAL A 61 42.28 0.34 -16.53
CA VAL A 61 41.75 -0.04 -15.19
C VAL A 61 41.74 1.21 -14.33
N VAL A 62 40.56 1.64 -13.91
CA VAL A 62 40.41 2.82 -13.05
C VAL A 62 40.47 2.31 -11.61
N VAL A 63 41.65 2.44 -10.99
CA VAL A 63 41.83 1.99 -9.59
C VAL A 63 41.49 3.13 -8.65
N ASP A 64 40.46 2.96 -7.83
CA ASP A 64 39.99 4.00 -6.93
C ASP A 64 40.30 3.56 -5.50
N ILE A 65 41.07 4.37 -4.80
CA ILE A 65 41.49 4.06 -3.44
C ILE A 65 40.90 5.10 -2.50
N ALA A 66 40.29 4.65 -1.41
CA ALA A 66 39.75 5.55 -0.41
C ALA A 66 40.30 5.13 0.95
N HIS A 67 40.99 6.06 1.62
CA HIS A 67 41.53 5.79 2.94
C HIS A 67 40.43 5.54 3.96
N SER A 78 54.64 5.04 -4.96
CA SER A 78 53.23 4.81 -5.26
C SER A 78 52.33 5.25 -4.11
N SER A 79 52.80 6.23 -3.34
CA SER A 79 52.08 6.85 -2.23
C SER A 79 51.97 5.90 -1.05
N THR A 80 52.27 4.62 -1.34
CA THR A 80 52.28 3.56 -0.31
C THR A 80 51.05 3.64 0.58
N TRP A 81 49.86 3.40 0.01
CA TRP A 81 48.67 3.37 0.89
C TRP A 81 48.86 2.19 1.85
N PRO A 82 48.97 2.39 3.18
CA PRO A 82 49.24 1.27 4.09
C PRO A 82 48.04 0.33 4.16
N LEU A 83 48.24 -0.89 4.67
CA LEU A 83 47.15 -1.88 4.71
C LEU A 83 46.21 -1.56 5.87
N ASP A 84 45.36 -0.54 5.70
CA ASP A 84 44.38 -0.15 6.75
C ASP A 84 43.42 -1.31 6.96
N PRO A 85 42.84 -1.48 8.17
CA PRO A 85 41.84 -2.54 8.40
C PRO A 85 40.70 -2.44 7.37
N GLY A 86 40.41 -1.22 6.90
CA GLY A 86 39.31 -1.03 5.94
C GLY A 86 39.71 -0.23 4.72
N VAL A 87 41.01 -0.21 4.38
CA VAL A 87 41.40 0.48 3.11
C VAL A 87 40.58 -0.15 1.98
N GLU A 88 39.78 0.64 1.27
CA GLU A 88 38.88 0.06 0.23
C GLU A 88 39.45 0.36 -1.16
N VAL A 89 39.48 -0.64 -2.04
CA VAL A 89 40.01 -0.46 -3.38
C VAL A 89 38.96 -0.98 -4.36
N THR A 90 38.35 -0.06 -5.09
CA THR A 90 37.31 -0.37 -6.05
C THR A 90 37.80 -0.12 -7.47
N LEU A 91 37.39 -1.00 -8.38
CA LEU A 91 37.86 -0.97 -9.76
C LEU A 91 36.68 -0.85 -10.71
N THR A 92 36.92 -0.09 -11.79
CA THR A 92 36.10 -0.04 -12.99
C THR A 92 37.04 0.17 -14.16
N MET A 93 36.53 -0.09 -15.36
CA MET A 93 37.34 0.06 -16.58
C MET A 93 36.70 1.11 -17.48
N LYS A 94 37.50 1.76 -18.32
CA LYS A 94 36.97 2.83 -19.20
C LYS A 94 37.00 2.32 -20.64
N VAL A 95 36.61 1.06 -20.84
CA VAL A 95 36.70 0.48 -22.19
C VAL A 95 35.99 -0.86 -22.21
N ALA A 96 36.08 -1.57 -23.32
CA ALA A 96 35.51 -2.90 -23.42
C ALA A 96 36.59 -3.81 -23.99
N SER A 97 36.49 -5.09 -23.69
CA SER A 97 37.51 -6.06 -24.07
C SER A 97 36.96 -7.06 -25.07
N GLY A 98 37.80 -7.41 -26.05
CA GLY A 98 37.49 -8.47 -26.98
C GLY A 98 38.48 -9.60 -26.86
N SER A 99 39.38 -9.48 -25.89
CA SER A 99 40.40 -10.48 -25.59
C SER A 99 40.33 -10.85 -24.11
N THR A 100 40.34 -12.15 -23.82
CA THR A 100 40.27 -12.62 -22.44
C THR A 100 41.58 -12.33 -21.72
N GLY A 101 41.48 -11.70 -20.56
CA GLY A 101 42.66 -11.34 -19.81
C GLY A 101 43.53 -10.34 -20.53
N ASP A 102 42.98 -9.16 -20.82
CA ASP A 102 43.71 -8.12 -21.53
C ASP A 102 44.10 -6.95 -20.65
N GLN A 103 43.58 -6.84 -19.43
CA GLN A 103 43.96 -5.79 -18.52
C GLN A 103 44.56 -6.43 -17.27
N LYS A 104 45.84 -6.21 -17.03
CA LYS A 104 46.49 -6.97 -15.93
C LYS A 104 46.79 -6.08 -14.73
N VAL A 105 46.13 -6.33 -13.60
CA VAL A 105 46.47 -5.56 -12.36
C VAL A 105 47.58 -6.32 -11.65
N GLN A 106 48.66 -5.63 -11.29
CA GLN A 106 49.79 -6.23 -10.58
C GLN A 106 49.98 -5.50 -9.26
N ILE A 107 49.52 -6.13 -8.18
CA ILE A 107 49.53 -5.50 -6.87
C ILE A 107 50.89 -5.70 -6.24
N SER A 108 51.52 -4.60 -5.84
CA SER A 108 52.91 -4.62 -5.39
C SER A 108 52.94 -4.48 -3.87
N TYR A 109 52.88 -5.61 -3.19
CA TYR A 109 53.14 -5.63 -1.75
C TYR A 109 54.63 -5.47 -1.51
N TYR A 110 54.98 -4.60 -0.57
CA TYR A 110 56.40 -4.34 -0.24
C TYR A 110 56.72 -4.88 1.15
N GLY A 111 57.57 -5.90 1.22
CA GLY A 111 57.97 -6.48 2.52
C GLY A 111 59.00 -5.60 3.23
N PRO A 112 58.98 -5.51 4.57
CA PRO A 112 59.90 -4.64 5.30
C PRO A 112 61.34 -5.19 5.24
N LYS A 113 61.50 -6.50 5.41
CA LYS A 113 62.85 -7.12 5.31
C LYS A 113 62.83 -8.14 4.18
N THR A 114 61.84 -8.04 3.28
CA THR A 114 61.71 -9.01 2.17
C THR A 114 61.49 -8.26 0.85
N PRO A 115 62.15 -8.64 -0.26
CA PRO A 115 61.90 -8.01 -1.55
C PRO A 115 60.41 -8.09 -1.90
N PRO A 116 59.82 -7.07 -2.57
CA PRO A 116 58.37 -7.06 -2.84
C PRO A 116 57.78 -8.27 -3.58
N VAL A 117 56.65 -8.80 -3.11
CA VAL A 117 55.94 -9.91 -3.81
C VAL A 117 54.83 -9.29 -4.64
N LYS A 118 54.24 -10.02 -5.60
CA LYS A 118 53.25 -9.36 -6.49
C LYS A 118 52.15 -10.31 -6.98
N ALA A 119 50.88 -10.00 -6.70
CA ALA A 119 49.74 -10.74 -7.21
C ALA A 119 49.32 -10.21 -8.58
N LEU A 120 48.82 -11.12 -9.41
CA LEU A 120 48.40 -10.81 -10.77
C LEU A 120 46.92 -11.10 -10.92
N LEU A 121 46.18 -10.14 -11.45
CA LEU A 121 44.78 -10.31 -11.77
C LEU A 121 44.57 -9.97 -13.25
N TYR A 122 43.91 -10.86 -13.97
CA TYR A 122 43.72 -10.73 -15.41
C TYR A 122 42.25 -10.41 -15.66
N LEU A 123 41.93 -9.12 -15.69
CA LEU A 123 40.55 -8.69 -15.82
C LEU A 123 40.07 -8.82 -17.25
N THR A 124 38.79 -8.51 -17.45
CA THR A 124 38.19 -8.43 -18.78
C THR A 124 36.98 -7.52 -18.68
N GLY A 125 36.64 -6.85 -19.78
CA GLY A 125 35.49 -5.95 -19.83
C GLY A 125 34.38 -6.55 -20.67
N VAL A 126 33.19 -6.60 -20.11
CA VAL A 126 31.98 -6.97 -20.82
C VAL A 126 30.91 -5.94 -20.48
N GLU A 127 30.09 -5.58 -21.46
CA GLU A 127 28.99 -4.65 -21.24
C GLU A 127 27.68 -5.37 -21.45
N ILE A 128 26.82 -5.31 -20.43
CA ILE A 128 25.53 -6.00 -20.41
C ILE A 128 24.47 -5.00 -19.98
N SER A 129 23.75 -4.42 -20.94
CA SER A 129 22.83 -3.33 -20.67
C SER A 129 21.40 -3.80 -20.91
N LEU A 130 20.53 -3.58 -19.93
CA LEU A 130 19.10 -3.86 -20.03
C LEU A 130 18.37 -2.53 -19.84
N CYS A 131 18.14 -1.87 -20.97
CA CYS A 131 17.52 -0.52 -20.92
C CYS A 131 16.04 -0.59 -21.29
N ALA A 132 15.27 0.39 -20.84
CA ALA A 132 13.84 0.49 -21.11
C ALA A 132 13.46 1.97 -21.12
N ASP A 133 12.16 2.25 -21.08
CA ASP A 133 11.67 3.62 -21.02
C ASP A 133 11.44 4.05 -19.58
N ILE A 134 12.54 4.08 -18.83
CA ILE A 134 12.47 4.49 -17.43
C ILE A 134 12.35 6.00 -17.31
N THR A 135 12.86 6.75 -18.29
CA THR A 135 12.76 8.20 -18.25
C THR A 135 11.36 8.71 -18.55
N ARG A 136 10.44 7.80 -18.88
CA ARG A 136 9.01 8.19 -19.04
C ARG A 136 8.86 9.39 -19.95
N THR A 137 9.92 9.77 -20.67
CA THR A 137 9.86 10.95 -21.58
C THR A 137 9.83 10.47 -23.03
N GLY A 138 9.61 9.17 -23.24
CA GLY A 138 9.52 8.63 -24.62
C GLY A 138 8.35 7.69 -24.77
N GLN A 149 18.08 3.02 -10.48
CA GLN A 149 17.65 2.85 -9.09
C GLN A 149 16.88 1.55 -8.91
N ARG A 150 16.37 1.01 -10.02
CA ARG A 150 15.59 -0.23 -10.02
C ARG A 150 14.38 -0.13 -9.10
N THR A 151 13.83 1.06 -8.95
CA THR A 151 12.63 1.28 -8.16
C THR A 151 11.67 2.16 -8.95
N TRP A 152 10.38 1.92 -8.76
CA TRP A 152 9.35 2.70 -9.44
C TRP A 152 8.92 3.85 -8.55
N THR A 153 9.18 5.07 -9.04
CA THR A 153 8.87 6.28 -8.25
C THR A 153 7.87 7.13 -9.03
N TRP A 154 6.95 7.77 -8.31
CA TRP A 154 5.90 8.61 -8.93
C TRP A 154 6.39 10.04 -8.96
N GLY A 155 5.74 10.90 -9.73
CA GLY A 155 6.10 12.32 -9.66
C GLY A 155 6.70 12.85 -10.93
N PRO A 156 6.79 14.18 -11.09
CA PRO A 156 7.40 14.76 -12.29
C PRO A 156 8.86 14.41 -12.44
N CYS A 157 9.52 13.98 -11.37
CA CYS A 157 10.93 13.65 -11.41
C CYS A 157 11.17 12.18 -11.03
N GLY A 158 10.35 11.27 -11.51
CA GLY A 158 10.58 9.90 -11.05
C GLY A 158 11.22 9.07 -12.14
N GLN A 159 11.39 7.78 -11.89
CA GLN A 159 11.91 6.88 -12.94
C GLN A 159 11.02 5.64 -12.99
N GLY A 160 10.52 5.26 -14.16
CA GLY A 160 9.76 3.99 -14.25
C GLY A 160 9.30 3.62 -15.66
N ALA A 161 8.96 2.35 -15.89
CA ALA A 161 8.41 1.92 -17.17
C ALA A 161 6.97 1.45 -16.99
N ILE A 162 6.18 1.63 -18.04
CA ILE A 162 4.72 1.37 -17.95
C ILE A 162 4.33 0.26 -18.92
N LEU A 163 3.56 -0.70 -18.44
CA LEU A 163 3.03 -1.81 -19.22
C LEU A 163 1.53 -1.60 -19.44
N LEU A 164 1.07 -1.92 -20.63
CA LEU A 164 -0.38 -1.84 -20.92
C LEU A 164 -0.90 -3.27 -20.98
N VAL A 165 -2.17 -3.48 -20.66
CA VAL A 165 -2.80 -4.79 -20.58
C VAL A 165 -3.29 -5.20 -21.96
N ASN A 166 -3.14 -6.47 -22.31
CA ASN A 166 -3.64 -6.97 -23.62
C ASN A 166 -5.12 -7.32 -23.48
N CYS A 167 -6.01 -6.41 -23.92
CA CYS A 167 -7.47 -6.65 -23.83
C CYS A 167 -8.12 -6.31 -25.17
N ASP A 168 -7.31 -6.17 -26.24
CA ASP A 168 -7.85 -5.78 -27.57
C ASP A 168 -7.81 -6.98 -28.51
N ARG A 169 -8.61 -6.93 -29.58
CA ARG A 169 -8.65 -8.04 -30.56
C ARG A 169 -7.81 -7.65 -31.79
N ASP A 170 -7.19 -6.47 -31.77
CA ASP A 170 -6.31 -6.03 -32.89
C ASP A 170 -5.80 -7.27 -33.64
N LEU A 185 -1.79 -7.63 -38.03
CA LEU A 185 -1.57 -8.33 -36.72
C LEU A 185 -0.27 -7.85 -36.11
N ASP A 186 0.86 -8.46 -36.49
CA ASP A 186 2.17 -8.12 -35.88
C ASP A 186 2.43 -6.60 -35.86
N SER A 187 2.17 -5.91 -36.97
CA SER A 187 2.51 -4.46 -37.06
C SER A 187 1.82 -3.67 -35.93
N GLU A 188 0.51 -3.84 -35.79
CA GLU A 188 -0.25 -3.08 -34.76
C GLU A 188 0.04 -3.65 -33.37
N ASP A 189 0.36 -4.95 -33.29
CA ASP A 189 0.64 -5.58 -31.99
C ASP A 189 1.95 -4.98 -31.46
N LEU A 190 2.95 -4.83 -32.32
CA LEU A 190 4.19 -4.28 -31.69
C LEU A 190 3.96 -2.83 -31.24
N GLN A 191 2.80 -2.24 -31.53
CA GLN A 191 2.58 -0.80 -31.20
C GLN A 191 2.27 -0.64 -29.71
N ASP A 192 1.51 -1.57 -29.13
CA ASP A 192 1.12 -1.45 -27.72
C ASP A 192 1.96 -2.32 -26.78
N MET A 193 2.96 -3.03 -27.29
CA MET A 193 3.82 -3.83 -26.43
C MET A 193 4.86 -2.93 -25.78
N SER A 194 5.54 -3.47 -24.77
CA SER A 194 6.69 -2.78 -24.21
C SER A 194 7.93 -3.02 -25.09
N LEU A 195 8.95 -2.18 -24.92
CA LEU A 195 10.15 -2.31 -25.73
C LEU A 195 11.38 -2.27 -24.82
N MET A 196 11.80 -3.45 -24.38
CA MET A 196 12.99 -3.61 -23.57
C MET A 196 14.17 -4.02 -24.45
N THR A 197 15.32 -3.39 -24.22
CA THR A 197 16.52 -3.61 -25.02
C THR A 197 17.62 -4.23 -24.18
N LEU A 198 18.37 -5.16 -24.78
CA LEU A 198 19.50 -5.82 -24.12
C LEU A 198 20.68 -5.76 -25.09
N SER A 199 21.70 -5.00 -24.73
CA SER A 199 22.92 -4.90 -25.52
C SER A 199 24.05 -5.65 -24.82
N THR A 200 24.77 -6.46 -25.59
CA THR A 200 25.88 -7.25 -25.08
C THR A 200 27.12 -6.99 -25.93
N LYS A 201 28.15 -6.44 -25.30
CA LYS A 201 29.46 -6.24 -25.92
C LYS A 201 30.44 -7.08 -25.11
N THR A 202 30.75 -8.27 -25.62
CA THR A 202 31.58 -9.25 -24.94
C THR A 202 32.63 -9.79 -25.89
N PRO A 203 33.74 -10.31 -25.35
CA PRO A 203 34.72 -11.02 -26.20
C PRO A 203 34.07 -12.19 -26.91
N LYS A 204 34.60 -12.55 -28.09
CA LYS A 204 33.95 -13.58 -28.89
C LYS A 204 33.93 -14.92 -28.16
N ASP A 205 34.93 -15.17 -27.32
CA ASP A 205 34.98 -16.42 -26.58
C ASP A 205 34.30 -16.34 -25.21
N PHE A 206 33.67 -15.20 -24.90
CA PHE A 206 33.06 -15.04 -23.56
C PHE A 206 31.87 -15.94 -23.41
N PHE A 207 31.10 -16.09 -24.47
CA PHE A 207 29.83 -16.85 -24.31
C PHE A 207 30.05 -18.32 -24.63
N THR A 208 31.25 -18.84 -24.36
CA THR A 208 31.49 -20.30 -24.52
C THR A 208 31.40 -20.96 -23.15
N ASN A 209 31.96 -20.31 -22.13
CA ASN A 209 31.89 -20.79 -20.76
C ASN A 209 31.12 -19.83 -19.86
N HIS A 210 30.26 -19.01 -20.44
CA HIS A 210 29.34 -18.15 -19.70
C HIS A 210 27.96 -18.26 -20.33
N THR A 211 26.92 -18.12 -19.51
CA THR A 211 25.55 -18.19 -19.99
C THR A 211 24.73 -17.07 -19.37
N LEU A 212 23.84 -16.49 -20.17
CA LEU A 212 22.93 -15.43 -19.73
C LEU A 212 21.52 -15.99 -19.58
N VAL A 213 20.81 -15.53 -18.56
CA VAL A 213 19.47 -16.04 -18.27
C VAL A 213 18.55 -14.87 -17.92
N LEU A 214 17.34 -14.85 -18.50
CA LEU A 214 16.33 -13.82 -18.14
C LEU A 214 15.22 -14.52 -17.36
N HIS A 215 14.83 -13.99 -16.20
CA HIS A 215 13.85 -14.73 -15.36
C HIS A 215 12.80 -13.80 -14.71
N VAL A 216 11.57 -14.29 -14.51
CA VAL A 216 10.54 -13.51 -13.77
C VAL A 216 10.23 -14.29 -12.48
N ALA A 217 9.58 -13.67 -11.50
CA ALA A 217 9.22 -14.36 -10.24
C ALA A 217 8.07 -15.34 -10.47
N ARG A 218 7.87 -16.29 -9.55
CA ARG A 218 6.83 -17.34 -9.74
C ARG A 218 5.49 -16.77 -9.27
N SER A 219 5.43 -15.47 -9.09
CA SER A 219 4.18 -14.80 -8.69
C SER A 219 3.74 -13.91 -9.85
N GLU A 220 4.68 -13.19 -10.46
CA GLU A 220 4.36 -12.31 -11.58
C GLU A 220 4.33 -13.05 -12.90
N MET A 221 4.52 -14.37 -12.90
CA MET A 221 4.55 -15.12 -14.15
C MET A 221 3.20 -15.05 -14.85
N ASP A 222 2.11 -15.17 -14.10
CA ASP A 222 0.76 -15.24 -14.71
C ASP A 222 0.29 -13.88 -15.23
N LYS A 223 1.03 -12.82 -14.99
CA LYS A 223 0.60 -11.48 -15.38
C LYS A 223 1.55 -10.82 -16.37
N VAL A 224 2.38 -11.63 -17.06
CA VAL A 224 3.24 -11.02 -18.12
C VAL A 224 3.73 -12.10 -19.10
N ARG A 225 3.62 -11.86 -20.43
CA ARG A 225 4.16 -12.79 -21.46
C ARG A 225 5.29 -12.08 -22.19
N VAL A 226 6.37 -12.79 -22.51
CA VAL A 226 7.56 -12.13 -23.11
C VAL A 226 7.83 -12.68 -24.51
N PHE A 227 8.14 -11.76 -25.43
CA PHE A 227 8.49 -12.15 -26.80
C PHE A 227 9.85 -11.57 -27.15
N GLN A 228 10.65 -12.32 -27.90
CA GLN A 228 11.98 -11.88 -28.29
C GLN A 228 12.02 -11.59 -29.79
N ALA A 229 12.38 -10.37 -30.15
CA ALA A 229 12.47 -9.98 -31.55
C ALA A 229 13.74 -10.51 -32.18
N LYS A 237 12.30 -12.46 -35.25
CA LYS A 237 10.91 -12.97 -35.22
C LYS A 237 10.48 -13.19 -33.77
N CYS A 238 9.33 -12.64 -33.38
CA CYS A 238 8.85 -12.79 -32.01
C CYS A 238 8.66 -14.27 -31.68
N SER A 239 9.19 -14.68 -30.54
CA SER A 239 9.15 -16.08 -30.14
C SER A 239 8.71 -16.15 -28.69
N VAL A 240 8.01 -17.24 -28.32
CA VAL A 240 7.62 -17.42 -26.88
C VAL A 240 8.62 -18.00 -25.89
N VAL A 241 8.98 -17.26 -24.85
CA VAL A 241 10.23 -17.42 -24.05
C VAL A 241 9.86 -17.62 -22.58
N LEU A 242 9.49 -16.52 -21.84
CA LEU A 242 9.11 -16.46 -20.37
C LEU A 242 7.64 -16.00 -20.25
N GLY A 243 6.74 -16.72 -19.55
CA GLY A 243 5.33 -16.33 -19.55
C GLY A 243 4.56 -17.00 -18.44
N PRO A 244 3.25 -17.27 -18.62
CA PRO A 244 2.43 -17.83 -17.56
C PRO A 244 2.85 -19.22 -17.09
N LYS A 245 3.37 -20.08 -17.96
CA LYS A 245 3.67 -21.49 -17.57
C LYS A 245 5.19 -21.68 -17.38
N TRP A 246 6.01 -20.93 -18.11
CA TRP A 246 7.48 -21.08 -18.06
C TRP A 246 8.09 -19.92 -17.27
N PRO A 247 8.72 -20.13 -16.10
CA PRO A 247 9.26 -19.04 -15.28
C PRO A 247 10.64 -18.46 -15.63
N SER A 248 11.46 -19.18 -16.42
CA SER A 248 12.85 -18.74 -16.73
C SER A 248 13.18 -19.02 -18.19
N HIS A 249 14.26 -18.43 -18.71
CA HIS A 249 14.71 -18.72 -20.09
C HIS A 249 16.20 -18.47 -20.24
N TYR A 250 16.94 -19.43 -20.75
CA TYR A 250 18.37 -19.28 -21.02
C TYR A 250 18.54 -18.81 -22.45
N LEU A 251 19.32 -17.74 -22.64
CA LEU A 251 19.40 -17.10 -23.93
C LEU A 251 20.61 -17.61 -24.72
N MET A 252 20.63 -17.27 -26.01
CA MET A 252 21.75 -17.58 -26.90
C MET A 252 22.24 -16.27 -27.49
N VAL A 253 23.42 -15.83 -27.08
CA VAL A 253 23.99 -14.57 -27.52
C VAL A 253 25.33 -14.83 -28.18
N PRO A 254 25.52 -14.43 -29.44
CA PRO A 254 26.85 -14.53 -30.04
C PRO A 254 27.79 -13.46 -29.51
N GLY A 255 29.08 -13.71 -29.70
CA GLY A 255 30.10 -12.82 -29.19
C GLY A 255 30.16 -11.52 -29.96
N GLY A 256 30.91 -10.57 -29.43
CA GLY A 256 30.98 -9.25 -30.07
C GLY A 256 29.77 -8.41 -29.70
N LYS A 257 29.32 -7.54 -30.61
CA LYS A 257 28.11 -6.74 -30.36
C LYS A 257 26.87 -7.52 -30.79
N HIS A 258 25.85 -7.63 -29.92
CA HIS A 258 24.57 -8.26 -30.31
C HIS A 258 23.43 -7.71 -29.45
N ASN A 259 22.53 -6.94 -30.05
CA ASN A 259 21.39 -6.32 -29.40
C ASN A 259 20.15 -7.15 -29.63
N MET A 260 19.45 -7.49 -28.54
CA MET A 260 18.19 -8.22 -28.60
C MET A 260 17.09 -7.37 -27.98
N ASP A 261 15.99 -7.23 -28.69
CA ASP A 261 14.85 -6.46 -28.22
C ASP A 261 13.75 -7.41 -27.75
N PHE A 262 13.00 -6.98 -26.75
CA PHE A 262 11.92 -7.79 -26.19
C PHE A 262 10.62 -7.00 -26.22
N TYR A 263 9.52 -7.73 -26.19
CA TYR A 263 8.18 -7.14 -26.10
C TYR A 263 7.40 -7.86 -25.02
N VAL A 264 6.91 -7.11 -24.05
CA VAL A 264 6.29 -7.66 -22.85
C VAL A 264 4.85 -7.13 -22.79
N GLU A 265 3.90 -8.01 -22.55
CA GLU A 265 2.52 -7.58 -22.31
C GLU A 265 2.03 -8.14 -20.98
N ALA A 266 1.10 -7.42 -20.37
CA ALA A 266 0.47 -7.87 -19.13
C ALA A 266 -0.86 -8.53 -19.43
N LEU A 267 -1.32 -9.35 -18.48
CA LEU A 267 -2.58 -10.08 -18.62
C LEU A 267 -3.53 -9.81 -17.46
N ALA A 268 -3.25 -8.85 -16.60
CA ALA A 268 -4.12 -8.57 -15.47
C ALA A 268 -4.10 -7.08 -15.15
N PHE A 269 -5.20 -6.60 -14.61
CA PHE A 269 -5.38 -5.26 -14.11
C PHE A 269 -5.05 -5.21 -12.63
N PRO A 270 -4.60 -4.07 -12.12
CA PRO A 270 -4.29 -3.99 -10.68
C PRO A 270 -5.51 -4.34 -9.84
N ASP A 271 -5.28 -5.14 -8.80
CA ASP A 271 -6.34 -5.56 -7.90
C ASP A 271 -5.74 -5.73 -6.52
N THR A 272 -6.53 -6.29 -5.60
CA THR A 272 -6.04 -6.52 -4.24
C THR A 272 -4.91 -7.53 -4.23
N ASP A 273 -5.01 -8.57 -5.05
CA ASP A 273 -3.97 -9.60 -5.08
C ASP A 273 -2.72 -9.11 -5.84
N PHE A 274 -2.87 -8.09 -6.67
CA PHE A 274 -1.74 -7.61 -7.51
C PHE A 274 -1.54 -6.12 -7.34
N PRO A 275 -0.49 -5.67 -6.63
CA PRO A 275 -0.17 -4.24 -6.53
C PRO A 275 0.00 -3.55 -7.89
N GLY A 276 0.81 -4.10 -8.79
CA GLY A 276 0.93 -3.56 -10.15
C GLY A 276 2.36 -3.50 -10.63
N LEU A 277 3.30 -4.01 -9.84
CA LEU A 277 4.71 -3.90 -10.23
C LEU A 277 5.22 -5.29 -10.64
N ILE A 278 5.88 -5.34 -11.79
CA ILE A 278 6.43 -6.58 -12.33
C ILE A 278 7.92 -6.38 -12.60
N THR A 279 8.76 -7.24 -12.04
CA THR A 279 10.19 -7.14 -12.21
C THR A 279 10.70 -8.24 -13.14
N LEU A 280 11.63 -7.87 -14.03
CA LEU A 280 12.26 -8.84 -14.97
C LEU A 280 13.77 -8.75 -14.78
N THR A 281 14.48 -9.85 -14.54
CA THR A 281 15.89 -9.88 -14.17
C THR A 281 16.73 -10.61 -15.22
N ILE A 282 17.90 -10.04 -15.51
CA ILE A 282 18.92 -10.67 -16.35
C ILE A 282 20.11 -11.00 -15.48
N SER A 283 20.59 -12.23 -15.59
CA SER A 283 21.66 -12.75 -14.76
C SER A 283 22.75 -13.35 -15.63
N LEU A 284 23.98 -12.91 -15.39
CA LEU A 284 25.16 -13.46 -16.03
C LEU A 284 25.75 -14.50 -15.10
N LEU A 285 25.66 -15.76 -15.53
CA LEU A 285 26.16 -16.93 -14.82
C LEU A 285 27.57 -17.28 -15.27
N ASP A 286 28.06 -18.46 -14.89
CA ASP A 286 29.39 -18.92 -15.24
C ASP A 286 29.40 -20.43 -15.20
N THR A 287 29.79 -21.05 -16.31
CA THR A 287 29.72 -22.50 -16.45
C THR A 287 31.06 -23.02 -16.98
N SER A 288 32.15 -22.55 -16.36
CA SER A 288 33.49 -22.93 -16.78
C SER A 288 33.85 -24.37 -16.43
N ASN A 289 33.29 -24.93 -15.36
CA ASN A 289 33.49 -26.32 -15.00
C ASN A 289 32.20 -27.09 -15.22
N LEU A 290 32.30 -28.25 -15.85
CA LEU A 290 31.13 -29.02 -16.26
C LEU A 290 30.57 -29.89 -15.15
N GLU A 291 31.30 -30.05 -14.04
CA GLU A 291 30.83 -30.86 -12.92
C GLU A 291 30.17 -30.03 -11.82
N LEU A 292 30.75 -28.88 -11.50
CA LEU A 292 30.21 -28.01 -10.47
C LEU A 292 28.94 -27.31 -10.97
N PRO A 293 28.04 -26.96 -10.07
CA PRO A 293 26.84 -26.21 -10.47
C PRO A 293 27.20 -24.81 -10.94
N GLU A 294 26.29 -24.22 -11.72
CA GLU A 294 26.51 -22.91 -12.30
C GLU A 294 26.51 -21.83 -11.22
N ALA A 295 27.26 -20.76 -11.46
CA ALA A 295 27.48 -19.71 -10.47
C ALA A 295 27.14 -18.35 -11.06
N VAL A 296 26.57 -17.49 -10.23
CA VAL A 296 26.10 -16.18 -10.67
C VAL A 296 27.24 -15.17 -10.53
N VAL A 297 27.36 -14.29 -11.52
CA VAL A 297 28.45 -13.33 -11.53
C VAL A 297 27.90 -11.91 -11.62
N PHE A 298 26.74 -11.73 -12.24
CA PHE A 298 26.22 -10.38 -12.40
C PHE A 298 24.70 -10.39 -12.50
N GLN A 299 24.07 -9.31 -12.05
CA GLN A 299 22.62 -9.21 -12.09
C GLN A 299 22.18 -7.78 -12.39
N ASP A 300 21.24 -7.65 -13.32
CA ASP A 300 20.57 -6.39 -13.61
C ASP A 300 19.07 -6.64 -13.65
N SER A 301 18.28 -5.64 -13.29
CA SER A 301 16.84 -5.82 -13.17
C SER A 301 16.14 -4.58 -13.68
N VAL A 302 14.86 -4.75 -14.03
CA VAL A 302 14.01 -3.64 -14.41
C VAL A 302 12.63 -3.85 -13.81
N VAL A 303 11.96 -2.75 -13.46
CA VAL A 303 10.67 -2.80 -12.78
C VAL A 303 9.65 -2.06 -13.64
N PHE A 304 8.56 -2.74 -13.99
CA PHE A 304 7.45 -2.17 -14.73
C PHE A 304 6.26 -1.96 -13.81
N ARG A 305 5.39 -1.02 -14.18
CA ARG A 305 4.10 -0.86 -13.54
C ARG A 305 3.00 -0.91 -14.59
N VAL A 306 1.98 -1.70 -14.31
CA VAL A 306 0.84 -1.85 -15.21
C VAL A 306 -0.04 -0.62 -15.08
N ALA A 307 -0.37 -0.02 -16.23
CA ALA A 307 -1.20 1.20 -16.25
C ALA A 307 -2.60 0.85 -15.77
N PRO A 308 -3.28 1.74 -15.03
CA PRO A 308 -4.57 1.44 -14.41
C PRO A 308 -5.75 1.83 -15.27
N TRP A 309 -6.93 1.45 -14.79
CA TRP A 309 -8.18 1.84 -15.42
C TRP A 309 -8.59 3.24 -14.98
N ILE A 310 -8.77 4.13 -15.94
CA ILE A 310 -9.09 5.53 -15.66
C ILE A 310 -10.41 5.88 -16.33
N MET A 311 -11.26 6.57 -15.54
CA MET A 311 -12.59 6.98 -16.03
C MET A 311 -12.54 8.44 -16.48
N THR A 312 -13.59 8.89 -17.16
CA THR A 312 -13.68 10.26 -17.63
C THR A 312 -15.01 10.93 -17.26
N PRO A 313 -14.96 12.18 -16.78
CA PRO A 313 -16.19 12.87 -16.31
C PRO A 313 -16.98 13.54 -17.42
N ASN A 314 -17.97 14.36 -17.02
CA ASN A 314 -18.87 15.04 -17.94
C ASN A 314 -18.36 16.41 -18.39
N THR A 315 -17.12 16.73 -18.05
CA THR A 315 -16.54 18.05 -18.44
C THR A 315 -15.46 17.84 -19.50
N GLN A 316 -15.38 16.64 -20.07
CA GLN A 316 -14.36 16.37 -21.08
C GLN A 316 -15.02 16.30 -22.44
N PRO A 317 -14.40 16.86 -23.49
CA PRO A 317 -15.06 16.95 -24.79
C PRO A 317 -15.42 15.58 -25.35
N PRO A 318 -16.60 15.42 -25.99
CA PRO A 318 -17.04 14.13 -26.53
C PRO A 318 -16.26 13.78 -27.80
N GLN A 319 -16.28 12.51 -28.19
CA GLN A 319 -15.55 12.07 -29.39
C GLN A 319 -16.51 11.29 -30.26
N GLU A 320 -17.37 10.48 -29.65
CA GLU A 320 -18.27 9.62 -30.44
C GLU A 320 -19.39 9.09 -29.53
N VAL A 321 -20.65 9.39 -29.84
CA VAL A 321 -21.80 8.93 -29.08
C VAL A 321 -22.25 7.56 -29.61
N TYR A 322 -23.18 6.98 -28.90
CA TYR A 322 -23.67 5.65 -29.29
C TYR A 322 -25.18 5.67 -29.07
N ALA A 323 -25.87 4.58 -29.43
CA ALA A 323 -27.32 4.52 -29.30
C ALA A 323 -27.75 3.05 -29.37
N CYS A 324 -29.04 2.84 -29.16
CA CYS A 324 -29.59 1.46 -29.23
C CYS A 324 -31.02 1.55 -29.76
N SER A 325 -31.23 1.15 -31.01
CA SER A 325 -32.58 1.25 -31.63
C SER A 325 -33.46 0.11 -31.14
N ILE A 326 -33.64 -0.01 -29.82
CA ILE A 326 -34.50 -1.09 -29.25
C ILE A 326 -35.94 -0.80 -29.66
N PHE A 327 -36.32 0.47 -29.68
CA PHE A 327 -37.72 0.83 -30.01
C PHE A 327 -37.74 1.86 -31.14
N GLU A 328 -38.87 2.52 -31.33
CA GLU A 328 -38.99 3.52 -32.41
C GLU A 328 -38.10 4.71 -32.06
N ASN A 329 -38.44 5.44 -30.99
CA ASN A 329 -37.58 6.56 -30.54
C ASN A 329 -37.09 7.35 -31.74
N GLU A 330 -37.97 7.58 -32.72
CA GLU A 330 -37.59 8.43 -33.86
C GLU A 330 -37.32 9.83 -33.32
N ASP A 331 -38.22 10.36 -32.48
CA ASP A 331 -38.06 11.71 -31.87
C ASP A 331 -36.76 11.76 -31.07
N PHE A 332 -36.55 10.77 -30.20
CA PHE A 332 -35.31 10.71 -29.39
C PHE A 332 -34.10 10.78 -30.34
N LEU A 333 -34.06 9.91 -31.34
CA LEU A 333 -32.85 9.86 -32.22
C LEU A 333 -32.67 11.20 -32.88
N LYS A 334 -33.75 11.79 -33.38
CA LYS A 334 -33.65 13.10 -34.07
C LYS A 334 -32.99 14.08 -33.12
N SER A 335 -33.57 14.27 -31.93
CA SER A 335 -33.02 15.29 -31.00
C SER A 335 -31.54 14.98 -30.70
N VAL A 336 -31.20 13.72 -30.44
CA VAL A 336 -29.78 13.40 -30.06
C VAL A 336 -28.87 13.80 -31.21
N THR A 337 -29.18 13.33 -32.42
CA THR A 337 -28.30 13.60 -33.58
C THR A 337 -28.21 15.12 -33.76
N THR A 338 -29.31 15.84 -33.58
CA THR A 338 -29.35 17.31 -33.76
C THR A 338 -28.27 17.95 -32.90
N LEU A 339 -28.37 17.82 -31.58
CA LEU A 339 -27.37 18.41 -30.66
C LEU A 339 -26.03 17.65 -30.80
N ALA A 340 -26.06 16.44 -31.36
CA ALA A 340 -24.82 15.71 -31.59
C ALA A 340 -23.98 16.37 -32.68
N MET A 341 -24.61 16.73 -33.81
CA MET A 341 -23.83 17.47 -34.80
C MET A 341 -23.68 18.92 -34.39
N LYS A 342 -24.56 19.42 -33.51
CA LYS A 342 -24.40 20.77 -33.00
C LYS A 342 -23.10 20.92 -32.21
N ALA A 343 -22.77 19.91 -31.41
CA ALA A 343 -21.51 19.92 -30.68
C ALA A 343 -20.35 19.39 -31.52
N LYS A 344 -20.57 19.10 -32.80
CA LYS A 344 -19.54 18.63 -33.72
C LYS A 344 -18.92 17.31 -33.27
N CYS A 345 -19.73 16.42 -32.73
CA CYS A 345 -19.29 15.08 -32.35
C CYS A 345 -20.00 14.05 -33.20
N LYS A 346 -19.24 13.09 -33.72
CA LYS A 346 -19.83 12.11 -34.62
C LYS A 346 -20.78 11.20 -33.88
N LEU A 347 -21.92 10.94 -34.50
CA LEU A 347 -22.96 10.12 -33.94
C LEU A 347 -22.99 8.77 -34.63
N THR A 348 -22.25 7.81 -34.05
CA THR A 348 -22.27 6.44 -34.54
C THR A 348 -23.47 5.69 -33.97
N ILE A 349 -24.34 5.22 -34.86
CA ILE A 349 -25.58 4.54 -34.50
C ILE A 349 -25.34 3.04 -34.54
N CYS A 350 -26.09 2.29 -33.73
CA CYS A 350 -26.03 0.85 -33.74
C CYS A 350 -26.78 0.29 -34.94
N PRO A 351 -26.23 -0.71 -35.62
CA PRO A 351 -27.01 -1.41 -36.65
C PRO A 351 -27.71 -2.63 -36.08
N GLU A 352 -28.56 -3.26 -36.89
CA GLU A 352 -29.25 -4.46 -36.45
C GLU A 352 -28.90 -5.65 -37.33
N GLU A 364 -24.71 1.07 -17.96
CA GLU A 364 -24.28 -0.25 -17.54
C GLU A 364 -22.87 -0.56 -18.04
N MET A 365 -22.47 0.11 -19.12
CA MET A 365 -21.15 -0.06 -19.72
C MET A 365 -20.40 1.24 -19.59
N GLU A 366 -19.25 1.21 -18.91
CA GLU A 366 -18.45 2.41 -18.68
C GLU A 366 -17.18 2.32 -19.51
N ILE A 367 -16.91 3.40 -20.22
CA ILE A 367 -15.76 3.38 -21.15
C ILE A 367 -14.67 4.29 -20.61
N GLY A 368 -13.53 3.71 -20.23
CA GLY A 368 -12.38 4.42 -19.72
C GLY A 368 -11.24 4.43 -20.71
N TYR A 369 -10.06 4.84 -20.22
CA TYR A 369 -8.84 4.89 -21.07
C TYR A 369 -7.61 4.29 -20.37
N ILE A 370 -6.95 3.28 -20.97
CA ILE A 370 -5.65 2.74 -20.43
C ILE A 370 -4.51 3.40 -21.22
N GLN A 371 -3.82 4.37 -20.63
CA GLN A 371 -2.80 5.16 -21.38
C GLN A 371 -1.37 4.72 -21.03
N ALA A 372 -0.44 4.92 -21.97
CA ALA A 372 0.99 4.62 -21.72
C ALA A 372 1.81 5.69 -22.44
N PRO A 373 3.16 5.72 -22.34
CA PRO A 373 3.96 6.67 -23.09
C PRO A 373 4.06 6.31 -24.59
N HIS A 374 3.32 5.29 -25.04
CA HIS A 374 3.42 4.83 -26.45
C HIS A 374 2.03 4.69 -27.10
N LYS A 375 0.94 4.72 -26.32
CA LYS A 375 -0.41 4.49 -26.91
C LYS A 375 -1.51 4.88 -25.90
N THR A 376 -2.64 5.41 -26.38
CA THR A 376 -3.80 5.73 -25.49
C THR A 376 -5.01 4.90 -25.87
N LEU A 377 -4.88 3.57 -25.89
CA LEU A 377 -6.01 2.66 -26.16
C LEU A 377 -7.07 2.80 -25.06
N PRO A 378 -8.39 2.90 -25.38
CA PRO A 378 -9.45 2.97 -24.39
C PRO A 378 -9.71 1.65 -23.67
N VAL A 379 -10.77 1.56 -22.88
CA VAL A 379 -11.20 0.32 -22.21
C VAL A 379 -12.71 0.36 -22.05
N VAL A 380 -13.32 -0.82 -21.96
CA VAL A 380 -14.73 -0.97 -21.61
C VAL A 380 -14.84 -1.86 -20.39
N PHE A 381 -15.71 -1.46 -19.47
CA PHE A 381 -15.94 -2.15 -18.21
C PHE A 381 -17.44 -2.40 -18.08
N ASP A 382 -17.79 -3.61 -17.65
CA ASP A 382 -19.18 -4.00 -17.51
C ASP A 382 -19.27 -5.10 -16.44
N SER A 383 -20.50 -5.55 -16.18
CA SER A 383 -20.71 -6.60 -15.15
C SER A 383 -21.90 -7.50 -15.56
N ASP A 401 -11.29 -3.44 -31.80
CA ASP A 401 -10.17 -2.84 -31.03
C ASP A 401 -10.70 -2.41 -29.64
N PHE A 402 -10.51 -1.14 -29.25
CA PHE A 402 -11.06 -0.65 -27.96
C PHE A 402 -10.45 -1.46 -26.80
N GLY A 403 -11.27 -1.90 -25.84
CA GLY A 403 -10.69 -2.60 -24.68
C GLY A 403 -11.71 -3.29 -23.80
N TYR A 404 -11.25 -4.10 -22.84
CA TYR A 404 -12.22 -4.87 -22.01
C TYR A 404 -11.58 -5.32 -20.69
N VAL A 405 -12.41 -5.45 -19.66
CA VAL A 405 -11.96 -5.91 -18.35
C VAL A 405 -12.86 -7.05 -17.91
N PRO A 409 -17.57 -13.09 -13.51
CA PRO A 409 -17.21 -12.58 -12.18
C PRO A 409 -18.07 -13.25 -11.09
N GLN A 410 -18.59 -12.44 -10.16
CA GLN A 410 -19.47 -12.99 -9.10
C GLN A 410 -20.59 -13.81 -9.76
N THR A 411 -20.75 -15.07 -9.36
CA THR A 411 -21.78 -15.95 -9.97
C THR A 411 -23.12 -15.21 -10.04
N GLY A 412 -23.65 -14.79 -8.89
CA GLY A 412 -24.94 -14.07 -8.86
C GLY A 412 -25.35 -13.71 -7.44
N GLY A 413 -26.62 -13.36 -7.24
CA GLY A 413 -27.10 -12.93 -5.90
C GLY A 413 -26.62 -11.53 -5.58
N ILE A 414 -26.27 -10.74 -6.60
CA ILE A 414 -25.77 -9.36 -6.38
C ILE A 414 -26.97 -8.41 -6.24
N SER A 415 -26.70 -7.13 -5.98
CA SER A 415 -27.80 -6.14 -5.77
C SER A 415 -27.79 -5.10 -6.90
N GLY A 416 -28.92 -4.43 -7.13
CA GLY A 416 -29.00 -3.40 -8.18
C GLY A 416 -27.98 -2.29 -7.98
N LEU A 417 -27.44 -2.18 -6.77
CA LEU A 417 -26.43 -1.13 -6.47
C LEU A 417 -25.11 -1.53 -7.13
N ASP A 418 -25.10 -2.61 -7.90
CA ASP A 418 -23.91 -3.01 -8.62
C ASP A 418 -23.88 -2.48 -10.05
N SER A 419 -24.94 -1.80 -10.48
CA SER A 419 -25.01 -1.26 -11.83
C SER A 419 -24.11 -0.03 -11.92
N PHE A 420 -23.94 0.48 -13.14
CA PHE A 420 -23.03 1.58 -13.38
C PHE A 420 -23.70 2.94 -13.35
N GLY A 421 -24.99 2.99 -13.08
CA GLY A 421 -25.59 4.25 -12.72
C GLY A 421 -25.21 4.73 -11.33
N ASN A 422 -24.55 3.86 -10.57
CA ASN A 422 -24.06 4.17 -9.24
C ASN A 422 -22.64 4.71 -9.25
N LEU A 423 -22.03 4.86 -10.42
CA LEU A 423 -20.64 5.26 -10.56
C LEU A 423 -20.55 6.58 -11.30
N GLU A 424 -19.89 7.56 -10.69
CA GLU A 424 -19.66 8.86 -11.32
C GLU A 424 -18.23 9.27 -11.06
N VAL A 425 -17.76 10.29 -11.81
CA VAL A 425 -16.42 10.83 -11.62
C VAL A 425 -16.51 12.34 -11.60
N SER A 426 -15.89 12.96 -10.60
CA SER A 426 -15.85 14.41 -10.51
C SER A 426 -14.75 14.95 -11.41
N PRO A 427 -14.80 16.27 -11.74
CA PRO A 427 -13.75 16.89 -12.53
C PRO A 427 -12.58 17.15 -11.58
N PRO A 428 -11.35 17.45 -12.06
CA PRO A 428 -10.20 17.64 -11.17
C PRO A 428 -10.47 18.59 -10.03
N VAL A 429 -9.98 18.26 -8.83
CA VAL A 429 -10.29 19.01 -7.63
C VAL A 429 -9.02 19.32 -6.87
N THR A 430 -9.11 20.26 -5.94
CA THR A 430 -8.01 20.61 -5.04
C THR A 430 -8.59 20.70 -3.63
N VAL A 431 -8.34 19.67 -2.84
CA VAL A 431 -8.93 19.53 -1.51
C VAL A 431 -7.84 19.76 -0.47
N ARG A 432 -7.97 20.85 0.29
CA ARG A 432 -7.08 21.16 1.40
C ARG A 432 -5.62 21.10 0.98
N GLY A 433 -5.32 21.70 -0.17
CA GLY A 433 -3.99 21.72 -0.71
C GLY A 433 -3.65 20.56 -1.62
N LYS A 434 -4.15 19.37 -1.33
CA LYS A 434 -3.89 18.21 -2.17
C LYS A 434 -4.59 18.36 -3.51
N GLU A 435 -3.96 17.88 -4.56
CA GLU A 435 -4.50 18.01 -5.92
C GLU A 435 -4.85 16.64 -6.48
N TYR A 436 -6.10 16.49 -6.90
CA TYR A 436 -6.55 15.31 -7.63
C TYR A 436 -6.79 15.74 -9.07
N PRO A 437 -5.89 15.46 -10.01
CA PRO A 437 -5.99 16.07 -11.34
C PRO A 437 -6.69 15.20 -12.36
N LEU A 438 -7.07 13.98 -11.98
CA LEU A 438 -7.82 13.11 -12.87
C LEU A 438 -9.26 12.91 -12.40
N GLY A 439 -9.55 13.48 -11.23
CA GLY A 439 -10.90 13.40 -10.68
C GLY A 439 -10.94 12.62 -9.40
N ARG A 440 -12.15 12.35 -8.92
CA ARG A 440 -12.35 11.54 -7.71
C ARG A 440 -13.66 10.78 -7.96
N ILE A 441 -13.60 9.46 -8.09
CA ILE A 441 -14.80 8.62 -8.35
C ILE A 441 -15.80 8.74 -7.20
N LEU A 442 -17.07 8.45 -7.44
CA LEU A 442 -18.17 8.55 -6.48
C LEU A 442 -19.12 7.38 -6.68
N PHE A 443 -19.37 6.63 -5.62
CA PHE A 443 -20.36 5.56 -5.64
C PHE A 443 -21.18 5.61 -4.36
N GLY A 444 -22.43 5.20 -4.47
CA GLY A 444 -23.36 5.25 -3.37
C GLY A 444 -23.57 3.91 -2.69
N ASP A 445 -23.94 3.97 -1.42
CA ASP A 445 -24.20 2.79 -0.61
C ASP A 445 -25.13 3.20 0.53
N SER A 446 -25.29 2.32 1.50
CA SER A 446 -26.12 2.62 2.66
C SER A 446 -25.36 3.50 3.64
N CYS A 447 -26.11 4.16 4.52
CA CYS A 447 -25.49 4.96 5.57
C CYS A 447 -24.86 4.09 6.65
N TYR A 448 -25.56 3.04 7.08
CA TYR A 448 -25.03 2.12 8.07
C TYR A 448 -25.55 0.72 7.78
N PRO A 449 -24.73 -0.31 7.98
CA PRO A 449 -25.16 -1.67 7.67
C PRO A 449 -26.35 -2.10 8.52
N SER A 450 -27.20 -2.92 7.93
CA SER A 450 -28.36 -3.48 8.60
C SER A 450 -28.72 -4.79 7.91
N ASN A 451 -29.89 -5.33 8.22
CA ASN A 451 -30.36 -6.56 7.61
C ASN A 451 -31.02 -6.33 6.25
N ASP A 452 -31.75 -5.24 6.09
CA ASP A 452 -32.39 -4.92 4.82
C ASP A 452 -31.54 -4.02 3.93
N SER A 453 -30.36 -3.59 4.39
CA SER A 453 -29.54 -2.68 3.63
C SER A 453 -28.95 -3.37 2.40
N ARG A 454 -28.69 -2.57 1.37
CA ARG A 454 -28.09 -3.04 0.12
C ARG A 454 -26.78 -2.33 -0.13
N GLN A 455 -25.77 -3.07 -0.56
CA GLN A 455 -24.44 -2.52 -0.77
C GLN A 455 -23.90 -2.98 -2.11
N MET A 456 -22.99 -2.18 -2.66
CA MET A 456 -22.25 -2.58 -3.84
C MET A 456 -21.26 -3.68 -3.49
N HIS A 457 -21.04 -4.60 -4.43
CA HIS A 457 -20.22 -5.76 -4.17
C HIS A 457 -18.79 -5.35 -3.81
N GLN A 458 -18.18 -6.08 -2.87
CA GLN A 458 -16.87 -5.71 -2.38
C GLN A 458 -15.79 -5.87 -3.44
N ALA A 459 -15.95 -6.84 -4.34
CA ALA A 459 -14.93 -7.04 -5.37
C ALA A 459 -14.78 -5.80 -6.25
N LEU A 460 -15.90 -5.18 -6.63
CA LEU A 460 -15.84 -4.00 -7.48
C LEU A 460 -15.20 -2.82 -6.74
N GLN A 461 -15.53 -2.64 -5.47
CA GLN A 461 -14.93 -1.57 -4.69
C GLN A 461 -13.44 -1.76 -4.53
N ASP A 462 -12.99 -2.98 -4.25
CA ASP A 462 -11.56 -3.27 -4.19
C ASP A 462 -10.85 -3.07 -5.52
N PHE A 463 -11.50 -3.46 -6.62
CA PHE A 463 -10.93 -3.20 -7.94
C PHE A 463 -10.75 -1.71 -8.16
N LEU A 464 -11.76 -0.90 -7.84
CA LEU A 464 -11.63 0.54 -8.05
C LEU A 464 -10.59 1.15 -7.13
N SER A 465 -10.47 0.64 -5.91
CA SER A 465 -9.48 1.18 -4.99
C SER A 465 -8.06 0.83 -5.42
N ALA A 466 -7.89 -0.31 -6.09
CA ALA A 466 -6.57 -0.69 -6.58
C ALA A 466 -6.02 0.36 -7.53
N GLN A 467 -6.87 0.92 -8.38
CA GLN A 467 -6.52 2.04 -9.25
C GLN A 467 -6.37 3.30 -8.42
N GLN A 468 -5.14 3.62 -7.99
CA GLN A 468 -4.94 4.73 -7.07
C GLN A 468 -5.11 6.09 -7.71
N VAL A 469 -5.25 6.16 -9.04
CA VAL A 469 -5.31 7.46 -9.71
C VAL A 469 -6.57 8.22 -9.31
N GLN A 470 -7.70 7.53 -9.17
CA GLN A 470 -8.98 8.15 -8.82
C GLN A 470 -9.50 7.47 -7.57
N ALA A 471 -9.30 8.10 -6.42
CA ALA A 471 -9.69 7.51 -5.14
C ALA A 471 -11.18 7.63 -4.94
N PRO A 472 -11.91 6.54 -4.77
CA PRO A 472 -13.38 6.62 -4.72
C PRO A 472 -13.88 7.26 -3.44
N VAL A 473 -15.11 7.77 -3.50
CA VAL A 473 -15.78 8.39 -2.37
C VAL A 473 -17.15 7.76 -2.23
N LYS A 474 -17.48 7.39 -0.99
CA LYS A 474 -18.77 6.70 -0.70
C LYS A 474 -19.85 7.73 -0.37
N LEU A 475 -21.06 7.53 -0.91
CA LEU A 475 -22.20 8.40 -0.65
C LEU A 475 -23.39 7.61 -0.13
N TYR A 476 -24.55 8.25 -0.07
CA TYR A 476 -25.76 7.64 0.45
C TYR A 476 -26.81 7.59 -0.64
N SER A 477 -27.21 6.39 -1.04
CA SER A 477 -28.18 6.24 -2.11
C SER A 477 -29.16 5.10 -1.84
N ASP A 478 -29.09 4.49 -0.66
CA ASP A 478 -29.93 3.33 -0.39
C ASP A 478 -31.40 3.72 -0.20
N TRP A 479 -31.66 5.00 0.05
CA TRP A 479 -33.02 5.45 0.32
C TRP A 479 -33.88 5.44 -0.93
N LEU A 480 -33.26 5.25 -2.10
CA LEU A 480 -33.95 5.22 -3.37
C LEU A 480 -34.40 3.81 -3.69
N SER A 481 -35.31 3.67 -4.65
CA SER A 481 -35.85 2.32 -4.97
C SER A 481 -35.02 1.67 -6.07
N VAL A 482 -33.91 2.30 -6.45
CA VAL A 482 -33.06 1.78 -7.56
C VAL A 482 -31.64 1.72 -7.02
N GLY A 483 -31.23 2.71 -6.25
CA GLY A 483 -29.90 2.73 -5.64
C GLY A 483 -28.86 3.38 -6.50
N HIS A 484 -29.18 4.47 -7.20
CA HIS A 484 -28.21 5.03 -8.12
C HIS A 484 -28.01 6.50 -7.81
N VAL A 485 -26.74 6.92 -7.76
CA VAL A 485 -26.40 8.30 -7.43
C VAL A 485 -26.72 9.25 -8.55
N ASP A 486 -26.90 8.75 -9.77
CA ASP A 486 -27.20 9.60 -10.91
C ASP A 486 -28.58 10.24 -10.80
N GLU A 487 -29.40 9.80 -9.86
CA GLU A 487 -30.76 10.28 -9.72
C GLU A 487 -30.87 11.62 -9.01
N PHE A 488 -29.79 12.13 -8.42
CA PHE A 488 -29.88 13.45 -7.83
C PHE A 488 -28.69 14.35 -8.12
N LEU A 489 -27.54 13.80 -8.50
CA LEU A 489 -26.36 14.63 -8.72
C LEU A 489 -25.89 14.55 -10.17
N SER A 490 -25.33 15.65 -10.64
CA SER A 490 -24.72 15.74 -11.96
C SER A 490 -23.70 16.86 -11.94
N PHE A 491 -22.79 16.85 -12.92
CA PHE A 491 -21.74 17.88 -12.97
C PHE A 491 -21.75 18.50 -14.37
N VAL A 492 -21.74 19.83 -14.50
CA VAL A 492 -21.85 20.41 -15.85
C VAL A 492 -20.62 21.24 -16.20
N PRO A 493 -20.36 21.52 -17.49
CA PRO A 493 -19.30 22.45 -17.86
C PRO A 493 -19.64 23.88 -17.44
N ALA A 494 -18.65 24.75 -17.40
CA ALA A 494 -18.94 26.12 -16.94
C ALA A 494 -17.72 27.00 -17.18
N PRO A 495 -17.86 28.33 -17.35
CA PRO A 495 -16.73 29.14 -17.64
C PRO A 495 -16.27 29.94 -16.43
N ASP A 496 -16.42 29.41 -15.22
CA ASP A 496 -16.11 30.26 -14.04
C ASP A 496 -15.55 29.45 -12.86
N ARG A 497 -14.77 30.08 -11.99
CA ARG A 497 -14.22 29.42 -10.78
C ARG A 497 -13.52 28.11 -11.15
N LYS A 498 -13.94 26.99 -10.56
CA LYS A 498 -13.27 25.68 -10.81
C LYS A 498 -13.69 25.15 -12.17
N GLY A 499 -14.38 25.97 -12.97
CA GLY A 499 -14.76 25.56 -14.33
C GLY A 499 -15.89 24.55 -14.33
N PHE A 500 -16.72 24.55 -13.28
CA PHE A 500 -17.89 23.63 -13.28
C PHE A 500 -18.90 23.98 -12.19
N ARG A 501 -20.10 23.39 -12.26
CA ARG A 501 -21.11 23.58 -11.21
C ARG A 501 -21.66 22.19 -10.86
N LEU A 502 -21.87 21.88 -9.58
CA LEU A 502 -22.49 20.59 -9.18
C LEU A 502 -24.00 20.77 -9.11
N LEU A 503 -24.75 20.13 -10.01
CA LEU A 503 -26.20 20.20 -9.91
C LEU A 503 -26.72 19.12 -8.98
N LEU A 504 -27.55 19.52 -8.03
CA LEU A 504 -28.19 18.64 -7.08
C LEU A 504 -29.70 18.81 -7.15
N ALA A 505 -30.43 17.72 -6.99
CA ALA A 505 -31.88 17.77 -6.96
C ALA A 505 -32.36 18.48 -5.69
N SER A 506 -33.46 19.20 -5.83
CA SER A 506 -33.97 20.05 -4.74
C SER A 506 -35.48 20.00 -4.75
N PRO A 507 -36.10 19.33 -3.77
CA PRO A 507 -37.55 19.45 -3.62
C PRO A 507 -38.02 20.80 -3.12
N ARG A 508 -37.11 21.62 -2.58
CA ARG A 508 -37.48 22.88 -1.95
C ARG A 508 -37.59 24.04 -2.92
N SER A 509 -37.14 23.88 -4.17
CA SER A 509 -37.29 24.92 -5.17
C SER A 509 -38.53 24.72 -6.04
N CYS A 510 -38.97 23.48 -6.23
CA CYS A 510 -40.24 23.19 -6.87
C CYS A 510 -41.41 23.79 -6.11
N TYR A 511 -41.41 23.62 -4.78
CA TYR A 511 -42.46 24.23 -3.96
C TYR A 511 -42.41 25.74 -4.05
N LYS A 512 -41.21 26.32 -4.08
CA LYS A 512 -41.07 27.76 -4.20
C LYS A 512 -41.67 28.27 -5.50
N LEU A 513 -41.33 27.62 -6.62
CA LEU A 513 -41.85 28.12 -7.90
C LEU A 513 -43.35 27.90 -8.00
N PHE A 514 -43.85 26.78 -7.47
CA PHE A 514 -45.28 26.55 -7.44
C PHE A 514 -46.00 27.62 -6.62
N GLN A 515 -45.42 28.01 -5.48
CA GLN A 515 -46.06 29.01 -4.64
C GLN A 515 -46.03 30.39 -5.28
N GLU A 516 -44.92 30.74 -5.95
CA GLU A 516 -44.91 32.00 -6.69
C GLU A 516 -45.98 32.00 -7.77
N GLN A 517 -46.24 30.83 -8.34
CA GLN A 517 -47.21 30.77 -9.47
C GLN A 517 -48.64 30.74 -8.93
N GLN A 518 -48.83 30.39 -7.66
CA GLN A 518 -50.20 30.45 -7.08
C GLN A 518 -50.45 31.88 -6.58
N ASN A 519 -49.48 32.47 -5.89
CA ASN A 519 -49.62 33.84 -5.36
C ASN A 519 -49.85 34.82 -6.52
N GLU A 520 -49.18 34.60 -7.65
CA GLU A 520 -49.31 35.52 -8.82
C GLU A 520 -50.71 35.38 -9.43
N GLY A 521 -51.36 34.22 -9.24
CA GLY A 521 -52.75 34.06 -9.73
C GLY A 521 -53.00 32.83 -10.60
N HIS A 522 -52.04 32.47 -11.44
CA HIS A 522 -52.19 31.30 -12.35
C HIS A 522 -51.89 30.08 -11.48
N GLY A 523 -52.79 29.72 -10.56
CA GLY A 523 -52.54 28.60 -9.63
C GLY A 523 -53.41 27.41 -9.92
N GLU A 524 -54.14 27.43 -11.03
CA GLU A 524 -54.97 26.26 -11.41
C GLU A 524 -54.43 25.62 -12.69
N ALA A 525 -53.21 25.99 -13.11
CA ALA A 525 -52.62 25.35 -14.27
C ALA A 525 -52.37 23.87 -13.99
N LEU A 526 -52.62 23.04 -14.99
CA LEU A 526 -52.57 21.60 -14.82
C LEU A 526 -51.14 21.08 -14.98
N LEU A 527 -50.83 20.05 -14.21
CA LEU A 527 -49.54 19.37 -14.28
C LEU A 527 -49.59 18.26 -15.32
N PHE A 528 -48.64 17.33 -15.23
CA PHE A 528 -48.50 16.18 -16.13
C PHE A 528 -49.76 15.73 -16.87
N LYS A 535 -52.16 10.49 -13.79
CA LYS A 535 -53.40 11.15 -13.30
C LYS A 535 -53.16 12.65 -13.17
N GLN A 536 -53.60 13.44 -14.15
CA GLN A 536 -53.40 14.89 -14.14
C GLN A 536 -53.75 15.43 -12.76
N GLN A 537 -53.04 16.48 -12.35
CA GLN A 537 -53.34 17.20 -11.13
C GLN A 537 -53.04 18.68 -11.33
N LYS A 538 -53.61 19.52 -10.47
CA LYS A 538 -53.37 20.95 -10.53
C LYS A 538 -52.24 21.35 -9.59
N ILE A 539 -51.82 22.61 -9.70
CA ILE A 539 -50.79 23.13 -8.80
C ILE A 539 -51.31 23.15 -7.37
N LYS A 540 -52.56 23.59 -7.18
CA LYS A 540 -53.12 23.75 -5.85
C LYS A 540 -53.18 22.41 -5.11
N ASN A 541 -53.57 21.35 -5.80
CA ASN A 541 -53.74 20.06 -5.14
C ASN A 541 -52.42 19.46 -4.70
N ILE A 542 -51.34 19.70 -5.46
CA ILE A 542 -50.04 19.21 -5.03
C ILE A 542 -49.53 20.02 -3.84
N LEU A 543 -49.86 21.31 -3.78
CA LEU A 543 -49.43 22.16 -2.69
C LEU A 543 -50.26 22.01 -1.43
N SER A 544 -51.33 21.22 -1.50
CA SER A 544 -52.21 20.99 -0.36
C SER A 544 -52.32 19.51 -0.03
N ASN A 545 -51.26 18.74 -0.28
CA ASN A 545 -51.24 17.30 0.07
C ASN A 545 -50.27 17.12 1.22
N LYS A 546 -50.74 16.65 2.37
CA LYS A 546 -49.84 16.61 3.55
C LYS A 546 -49.08 15.29 3.62
N THR A 547 -49.41 14.32 2.77
CA THR A 547 -48.62 13.07 2.76
C THR A 547 -47.36 13.31 1.94
N LEU A 548 -47.47 14.06 0.85
CA LEU A 548 -46.33 14.35 -0.01
C LEU A 548 -45.33 15.28 0.67
N ARG A 549 -45.82 16.22 1.47
CA ARG A 549 -44.95 17.22 2.08
C ARG A 549 -44.05 16.63 3.16
N GLU A 550 -44.32 15.42 3.64
CA GLU A 550 -43.41 14.70 4.52
C GLU A 550 -42.48 13.78 3.75
N HIS A 551 -43.04 13.10 2.74
CA HIS A 551 -42.25 12.29 1.84
C HIS A 551 -41.11 13.09 1.24
N ASN A 552 -41.36 14.36 0.94
CA ASN A 552 -40.37 15.23 0.34
C ASN A 552 -39.40 15.80 1.37
N SER A 553 -39.85 16.04 2.59
CA SER A 553 -38.96 16.50 3.65
C SER A 553 -37.89 15.46 3.95
N PHE A 554 -38.27 14.18 3.99
CA PHE A 554 -37.28 13.13 4.22
C PHE A 554 -36.22 13.12 3.13
N VAL A 555 -36.65 13.23 1.86
CA VAL A 555 -35.72 13.25 0.75
C VAL A 555 -34.82 14.47 0.82
N GLU A 556 -35.35 15.61 1.26
CA GLU A 556 -34.51 16.80 1.43
C GLU A 556 -33.43 16.56 2.47
N ARG A 557 -33.79 15.91 3.58
CA ARG A 557 -32.77 15.57 4.58
C ARG A 557 -31.66 14.73 3.97
N CYS A 558 -32.04 13.69 3.21
CA CYS A 558 -31.04 12.82 2.61
C CYS A 558 -30.12 13.55 1.63
N ILE A 559 -30.71 14.38 0.76
CA ILE A 559 -29.90 15.09 -0.23
C ILE A 559 -29.00 16.13 0.42
N ASP A 560 -29.45 16.80 1.50
CA ASP A 560 -28.56 17.69 2.21
C ASP A 560 -27.41 16.94 2.87
N TRP A 561 -27.64 15.73 3.38
CA TRP A 561 -26.52 14.93 3.86
C TRP A 561 -25.51 14.69 2.74
N ASN A 562 -25.99 14.31 1.56
CA ASN A 562 -25.08 14.10 0.43
C ASN A 562 -24.37 15.40 0.05
N ARG A 563 -25.04 16.55 0.16
CA ARG A 563 -24.40 17.85 -0.15
C ARG A 563 -23.24 18.13 0.80
N GLU A 564 -23.43 17.90 2.10
CA GLU A 564 -22.31 18.09 3.01
C GLU A 564 -21.16 17.15 2.67
N LEU A 565 -21.49 15.89 2.37
CA LEU A 565 -20.46 14.93 2.01
C LEU A 565 -19.67 15.39 0.78
N LEU A 566 -20.36 15.89 -0.24
CA LEU A 566 -19.72 16.37 -1.45
C LEU A 566 -18.97 17.68 -1.24
N LYS A 567 -19.41 18.57 -0.35
CA LYS A 567 -18.64 19.81 -0.10
C LYS A 567 -17.35 19.52 0.65
N ARG A 568 -17.30 18.52 1.53
CA ARG A 568 -16.05 18.33 2.31
C ARG A 568 -15.05 17.45 1.54
N GLU A 569 -15.53 16.48 0.77
CA GLU A 569 -14.62 15.56 0.09
C GLU A 569 -14.29 15.97 -1.33
N LEU A 570 -14.83 17.10 -1.81
CA LEU A 570 -14.51 17.60 -3.14
C LEU A 570 -13.98 19.03 -3.10
N GLY A 571 -13.78 19.59 -1.91
CA GLY A 571 -13.24 20.93 -1.76
C GLY A 571 -14.11 21.99 -2.38
N LEU A 572 -15.41 21.83 -2.24
CA LEU A 572 -16.35 22.74 -2.97
C LEU A 572 -16.82 23.88 -2.09
N ALA A 573 -17.55 24.79 -2.69
CA ALA A 573 -18.08 25.97 -1.98
C ALA A 573 -19.53 26.14 -2.38
N GLU A 574 -20.28 27.00 -1.71
CA GLU A 574 -21.73 27.12 -1.97
C GLU A 574 -21.99 27.96 -3.21
N SER A 575 -20.94 28.51 -3.80
CA SER A 575 -21.09 29.29 -5.05
C SER A 575 -20.97 28.39 -6.28
N ASP A 576 -20.99 27.07 -6.09
CA ASP A 576 -20.78 26.12 -7.20
C ASP A 576 -21.81 24.99 -7.15
N ILE A 577 -22.91 25.17 -6.42
CA ILE A 577 -23.96 24.11 -6.30
C ILE A 577 -25.30 24.67 -6.76
N ILE A 578 -25.68 24.39 -8.01
CA ILE A 578 -26.95 24.84 -8.56
C ILE A 578 -28.00 23.79 -8.30
N ASP A 579 -29.12 24.19 -7.71
CA ASP A 579 -30.16 23.27 -7.31
C ASP A 579 -31.26 23.23 -8.37
N ILE A 580 -31.68 22.03 -8.74
CA ILE A 580 -32.61 21.81 -9.83
C ILE A 580 -33.92 21.28 -9.24
N PRO A 581 -35.08 21.87 -9.60
CA PRO A 581 -36.35 21.39 -9.06
C PRO A 581 -36.62 19.92 -9.31
N GLN A 582 -37.15 19.22 -8.30
CA GLN A 582 -37.54 17.82 -8.46
C GLN A 582 -38.39 17.40 -7.27
N LEU A 583 -39.47 16.68 -7.53
CA LEU A 583 -40.35 16.17 -6.49
C LEU A 583 -40.24 14.66 -6.41
N PHE A 584 -40.32 14.13 -5.19
CA PHE A 584 -40.18 12.70 -4.96
C PHE A 584 -41.42 12.16 -4.26
N LYS A 585 -41.50 10.83 -4.24
CA LYS A 585 -42.65 10.13 -3.60
C LYS A 585 -42.11 8.81 -3.05
N LEU A 586 -42.72 8.27 -2.01
CA LEU A 586 -42.20 7.03 -1.40
C LEU A 586 -42.99 5.81 -1.88
N LYS A 587 -42.32 4.65 -2.01
CA LYS A 587 -42.99 3.41 -2.51
C LYS A 587 -42.66 2.23 -1.59
N GLU A 588 -42.97 1.01 -2.03
CA GLU A 588 -42.77 -0.22 -1.19
C GLU A 588 -41.47 -0.27 -0.40
N PHE A 589 -41.58 -0.54 0.91
CA PHE A 589 -40.41 -0.47 1.83
C PHE A 589 -40.11 0.99 2.19
N SER A 590 -40.93 1.91 1.71
CA SER A 590 -40.72 3.36 1.97
C SER A 590 -39.43 3.78 1.26
N LYS A 591 -39.16 3.20 0.09
CA LYS A 591 -38.00 3.63 -0.73
C LYS A 591 -38.49 4.78 -1.59
N ALA A 592 -37.60 5.58 -2.18
CA ALA A 592 -38.04 6.78 -2.90
C ALA A 592 -38.07 6.62 -4.42
N GLU A 593 -38.85 7.46 -5.10
CA GLU A 593 -38.98 7.44 -6.55
C GLU A 593 -39.32 8.86 -7.00
N ALA A 594 -38.75 9.28 -8.12
CA ALA A 594 -39.07 10.59 -8.65
C ALA A 594 -40.54 10.66 -9.05
N PHE A 595 -41.09 11.87 -9.02
CA PHE A 595 -42.51 12.06 -9.38
C PHE A 595 -42.55 12.38 -10.86
N PHE A 596 -42.09 13.58 -11.25
CA PHE A 596 -42.00 13.90 -12.70
C PHE A 596 -40.65 13.38 -13.20
N PRO A 597 -40.46 13.13 -14.51
CA PRO A 597 -39.22 12.55 -15.01
C PRO A 597 -37.98 13.28 -14.49
N ASN A 598 -36.91 12.54 -14.18
CA ASN A 598 -35.71 13.15 -13.57
C ASN A 598 -34.94 14.02 -14.57
N MET A 599 -34.93 15.33 -14.35
CA MET A 599 -34.17 16.24 -15.20
C MET A 599 -32.70 16.33 -14.80
N VAL A 600 -32.32 15.75 -13.66
CA VAL A 600 -30.92 15.75 -13.24
C VAL A 600 -30.13 14.64 -13.89
N ASN A 601 -30.78 13.67 -14.51
CA ASN A 601 -30.13 12.64 -15.32
C ASN A 601 -30.18 13.13 -16.76
N MET A 602 -29.13 13.83 -17.18
CA MET A 602 -29.07 14.57 -18.43
C MET A 602 -27.92 14.09 -19.30
N LEU A 603 -28.03 14.30 -20.61
CA LEU A 603 -26.92 13.92 -21.55
C LEU A 603 -26.08 15.16 -21.86
N VAL A 604 -24.80 15.14 -21.50
CA VAL A 604 -23.92 16.33 -21.71
C VAL A 604 -23.00 16.08 -22.90
N LEU A 605 -23.29 16.71 -24.04
CA LEU A 605 -22.42 16.58 -25.24
C LEU A 605 -21.77 17.95 -25.49
N GLY A 606 -21.14 18.51 -24.46
CA GLY A 606 -20.52 19.84 -24.61
C GLY A 606 -21.43 20.92 -24.07
N LYS A 607 -21.64 21.99 -24.85
CA LYS A 607 -22.53 23.10 -24.41
C LYS A 607 -23.96 22.79 -24.84
N HIS A 608 -24.25 21.53 -25.17
CA HIS A 608 -25.64 21.14 -25.52
C HIS A 608 -26.11 20.08 -24.54
N LEU A 609 -27.31 20.25 -23.96
CA LEU A 609 -27.74 19.32 -22.89
C LEU A 609 -29.14 18.76 -23.16
N GLY A 610 -29.25 17.45 -23.33
CA GLY A 610 -30.55 16.82 -23.45
C GLY A 610 -31.18 16.52 -22.10
N ILE A 611 -32.07 17.39 -21.64
CA ILE A 611 -32.71 17.27 -20.34
C ILE A 611 -34.06 16.58 -20.54
N PRO A 612 -34.35 15.52 -19.80
CA PRO A 612 -35.63 14.81 -19.99
C PRO A 612 -36.82 15.73 -19.76
N LYS A 613 -37.92 15.45 -20.46
CA LYS A 613 -39.11 16.33 -20.38
C LYS A 613 -39.68 16.30 -18.97
N PRO A 614 -40.03 17.46 -18.36
CA PRO A 614 -40.66 17.42 -17.07
C PRO A 614 -42.17 17.18 -17.24
N PHE A 615 -42.71 17.37 -18.44
CA PHE A 615 -44.18 17.26 -18.65
C PHE A 615 -44.84 18.00 -17.48
N GLY A 616 -44.52 19.28 -17.28
CA GLY A 616 -45.00 19.99 -16.09
C GLY A 616 -45.93 21.14 -16.38
N PRO A 617 -46.24 22.01 -15.40
CA PRO A 617 -47.22 23.09 -15.59
C PRO A 617 -46.80 24.03 -16.70
N VAL A 618 -47.79 24.59 -17.38
CA VAL A 618 -47.58 25.59 -18.42
C VAL A 618 -48.05 26.92 -17.87
N ILE A 619 -47.25 27.97 -18.02
CA ILE A 619 -47.62 29.31 -17.50
C ILE A 619 -47.20 30.37 -18.52
N ASN A 620 -48.16 31.13 -19.05
CA ASN A 620 -47.85 32.20 -20.05
C ASN A 620 -47.35 31.56 -21.34
N GLY A 621 -47.57 30.25 -21.52
CA GLY A 621 -47.18 29.59 -22.77
C GLY A 621 -46.06 28.59 -22.61
N ARG A 622 -45.13 28.84 -21.69
CA ARG A 622 -43.95 27.95 -21.51
C ARG A 622 -44.11 27.15 -20.22
N CYS A 623 -43.31 26.10 -20.03
CA CYS A 623 -43.36 25.33 -18.80
C CYS A 623 -42.51 26.00 -17.73
N CYS A 624 -42.98 25.92 -16.48
CA CYS A 624 -42.35 26.66 -15.40
C CYS A 624 -41.00 26.06 -15.01
N LEU A 625 -40.93 24.74 -14.89
CA LEU A 625 -39.66 24.11 -14.58
C LEU A 625 -38.63 24.36 -15.68
N GLU A 626 -39.06 24.27 -16.94
CA GLU A 626 -38.14 24.56 -18.05
C GLU A 626 -37.64 25.99 -17.99
N GLU A 627 -38.53 26.94 -17.70
CA GLU A 627 -38.10 28.33 -17.60
C GLU A 627 -37.08 28.50 -16.48
N LYS A 628 -37.31 27.87 -15.33
CA LYS A 628 -36.36 28.00 -14.23
C LYS A 628 -35.00 27.42 -14.60
N VAL A 629 -34.98 26.23 -15.18
CA VAL A 629 -33.70 25.58 -15.48
C VAL A 629 -32.96 26.33 -16.59
N CYS A 630 -33.68 26.88 -17.55
CA CYS A 630 -33.03 27.70 -18.56
C CYS A 630 -32.64 29.07 -18.05
N SER A 631 -33.19 29.51 -16.92
CA SER A 631 -32.75 30.74 -16.30
C SER A 631 -31.58 30.54 -15.34
N LEU A 632 -31.34 29.31 -14.86
CA LEU A 632 -30.20 29.05 -13.99
C LEU A 632 -28.98 28.51 -14.72
N LEU A 633 -29.17 27.79 -15.82
CA LEU A 633 -28.07 27.12 -16.52
C LEU A 633 -27.51 27.95 -17.66
N GLU A 634 -28.39 28.56 -18.46
CA GLU A 634 -27.96 29.30 -19.64
C GLU A 634 -27.01 30.45 -19.35
N PRO A 635 -27.22 31.26 -18.30
CA PRO A 635 -26.38 32.42 -18.04
C PRO A 635 -24.87 32.12 -18.11
N LEU A 636 -24.44 30.93 -17.65
CA LEU A 636 -23.00 30.60 -17.64
C LEU A 636 -22.50 30.02 -18.96
N GLY A 637 -23.34 30.03 -20.01
CA GLY A 637 -22.92 29.54 -21.34
C GLY A 637 -23.48 28.29 -21.98
N LEU A 638 -24.18 27.48 -21.21
CA LEU A 638 -24.72 26.21 -21.72
C LEU A 638 -25.95 26.47 -22.58
N GLN A 639 -26.38 25.43 -23.32
CA GLN A 639 -27.59 25.49 -24.12
C GLN A 639 -28.37 24.20 -23.94
N CYS A 640 -29.69 24.32 -23.84
CA CYS A 640 -30.53 23.22 -23.37
C CYS A 640 -31.59 22.83 -24.40
N THR A 641 -31.96 21.55 -24.38
CA THR A 641 -33.10 21.01 -25.11
C THR A 641 -33.83 20.04 -24.21
N PHE A 642 -35.05 19.69 -24.63
CA PHE A 642 -35.90 18.80 -23.78
C PHE A 642 -36.43 17.64 -24.63
N ILE A 643 -35.73 16.50 -24.59
CA ILE A 643 -36.20 15.26 -25.28
C ILE A 643 -37.28 14.64 -24.40
N ASN A 644 -37.94 13.57 -24.86
CA ASN A 644 -38.93 12.89 -23.98
C ASN A 644 -38.30 11.64 -23.36
N ASP A 645 -37.35 11.80 -22.44
CA ASP A 645 -36.79 10.64 -21.73
C ASP A 645 -37.28 10.57 -20.28
N GLY A 659 -30.57 4.61 -24.63
CA GLY A 659 -29.27 4.61 -23.98
C GLY A 659 -28.18 5.21 -24.85
N THR A 660 -27.47 6.20 -24.31
CA THR A 660 -26.43 6.90 -25.05
C THR A 660 -25.17 6.96 -24.20
N ASN A 661 -24.10 6.37 -24.73
CA ASN A 661 -22.78 6.45 -24.05
C ASN A 661 -21.96 7.44 -24.87
N VAL A 662 -20.94 8.04 -24.27
CA VAL A 662 -20.13 9.06 -24.97
C VAL A 662 -18.65 8.83 -24.66
N ARG A 663 -17.89 8.27 -25.59
CA ARG A 663 -16.43 8.12 -25.38
C ARG A 663 -15.84 9.51 -25.46
N ARG A 664 -14.81 9.83 -24.68
CA ARG A 664 -14.32 11.23 -24.64
C ARG A 664 -12.81 11.36 -24.65
N LYS A 665 -12.31 12.49 -24.19
CA LYS A 665 -10.90 12.80 -24.26
C LYS A 665 -10.22 12.55 -22.92
N PRO A 666 -9.09 11.79 -22.90
CA PRO A 666 -8.32 11.63 -21.69
C PRO A 666 -7.77 13.01 -21.31
N PHE A 667 -7.71 13.33 -20.02
CA PHE A 667 -7.25 14.66 -19.58
C PHE A 667 -5.85 14.92 -20.09
N SER A 668 -5.20 13.90 -20.65
CA SER A 668 -3.80 14.03 -21.14
C SER A 668 -2.84 14.42 -20.03
N PHE A 669 -3.33 14.58 -18.81
CA PHE A 669 -2.48 14.95 -17.65
C PHE A 669 -1.81 13.61 -17.39
N LYS A 670 -0.50 13.53 -17.50
CA LYS A 670 0.14 12.22 -17.36
C LYS A 670 0.08 11.81 -15.90
N TRP A 671 -0.61 10.73 -15.60
CA TRP A 671 -0.80 10.30 -14.20
C TRP A 671 0.53 10.04 -13.53
N TRP A 672 1.48 9.51 -14.28
CA TRP A 672 2.77 9.12 -13.66
C TRP A 672 3.42 10.40 -13.14
N ASN A 673 2.78 11.56 -13.37
CA ASN A 673 3.30 12.79 -12.78
C ASN A 673 2.60 13.15 -11.49
N MET A 674 1.47 12.50 -11.20
CA MET A 674 0.78 12.67 -9.93
C MET A 674 1.39 11.76 -8.88
N VAL A 675 1.40 12.22 -7.64
CA VAL A 675 1.91 11.43 -6.52
C VAL A 675 0.75 11.12 -5.58
N PRO A 676 0.09 9.96 -5.72
CA PRO A 676 -0.97 9.50 -4.82
C PRO A 676 -0.58 9.56 -3.35
N ALA B 15 -17.56 15.01 13.24
CA ALA B 15 -17.02 16.06 12.39
C ALA B 15 -17.82 16.18 11.11
N GLN B 16 -19.05 15.66 11.13
CA GLN B 16 -19.95 15.73 9.99
C GLN B 16 -21.34 16.02 10.50
N GLY B 17 -21.85 17.21 10.19
CA GLY B 17 -23.20 17.58 10.54
C GLY B 17 -24.11 17.63 9.33
N THR B 18 -25.03 18.59 9.30
CA THR B 18 -25.96 18.74 8.18
C THR B 18 -26.18 20.22 7.93
N LEU B 19 -27.21 20.53 7.14
CA LEU B 19 -27.53 21.88 6.74
C LEU B 19 -28.86 22.30 7.36
N ILE B 20 -28.93 23.59 7.72
CA ILE B 20 -30.17 24.15 8.34
C ILE B 20 -30.70 25.28 7.46
N ARG B 21 -31.87 25.08 6.84
CA ARG B 21 -32.51 26.06 5.99
C ARG B 21 -33.64 26.70 6.77
N VAL B 22 -33.63 28.04 6.79
CA VAL B 22 -34.62 28.80 7.59
C VAL B 22 -35.65 29.42 6.66
N THR B 23 -36.94 29.28 6.99
CA THR B 23 -38.01 29.84 6.19
C THR B 23 -38.82 30.83 7.01
N PRO B 24 -39.13 32.01 6.45
CA PRO B 24 -40.03 32.93 7.15
C PRO B 24 -41.43 32.38 7.35
N GLU B 25 -41.85 31.42 6.53
CA GLU B 25 -43.22 30.92 6.61
C GLU B 25 -43.48 30.23 7.95
N GLN B 26 -42.58 29.35 8.37
CA GLN B 26 -42.74 28.60 9.60
C GLN B 26 -41.43 28.57 10.37
N PRO B 27 -41.50 28.48 11.70
CA PRO B 27 -40.27 28.31 12.48
C PRO B 27 -39.63 26.95 12.22
N THR B 28 -38.32 26.90 12.41
CA THR B 28 -37.53 25.70 12.16
C THR B 28 -36.87 25.23 13.45
N HIS B 29 -36.79 23.91 13.61
CA HIS B 29 -36.12 23.30 14.75
C HIS B 29 -34.96 22.46 14.26
N ALA B 30 -33.81 22.62 14.93
CA ALA B 30 -32.59 21.91 14.48
C ALA B 30 -31.72 21.55 15.68
N VAL B 31 -30.91 20.49 15.55
CA VAL B 31 -29.97 20.06 16.63
C VAL B 31 -28.55 20.40 16.20
N CYS B 32 -27.85 21.22 16.97
CA CYS B 32 -26.43 21.46 16.62
C CYS B 32 -25.54 20.74 17.63
N VAL B 33 -24.67 19.83 17.16
CA VAL B 33 -23.70 19.15 18.09
C VAL B 33 -22.56 20.12 18.36
N LEU B 34 -22.21 20.34 19.63
CA LEU B 34 -21.15 21.31 20.00
C LEU B 34 -19.83 20.90 19.34
N GLY B 35 -19.11 21.86 18.74
CA GLY B 35 -17.81 21.58 18.12
C GLY B 35 -17.90 21.47 16.61
N THR B 36 -19.12 21.38 16.08
CA THR B 36 -19.31 21.24 14.64
C THR B 36 -19.81 22.55 14.07
N LEU B 37 -19.11 23.04 13.04
CA LEU B 37 -19.46 24.30 12.39
C LEU B 37 -20.59 24.03 11.40
N THR B 38 -21.80 24.46 11.75
CA THR B 38 -22.97 24.13 10.95
C THR B 38 -23.32 25.27 10.00
N GLN B 39 -23.46 24.93 8.72
CA GLN B 39 -23.81 25.93 7.70
C GLN B 39 -25.29 26.30 7.79
N LEU B 40 -25.61 27.60 7.77
CA LEU B 40 -27.02 28.07 7.82
C LEU B 40 -27.36 28.66 6.45
N ASP B 41 -28.37 28.10 5.77
CA ASP B 41 -28.82 28.64 4.46
C ASP B 41 -29.75 29.82 4.74
N ILE B 42 -29.28 31.05 4.51
CA ILE B 42 -30.08 32.25 4.85
C ILE B 42 -30.56 32.92 3.56
N CYS B 43 -30.33 32.29 2.40
CA CYS B 43 -30.67 32.98 1.13
C CYS B 43 -31.68 32.19 0.28
N SER B 44 -31.53 30.87 0.16
CA SER B 44 -32.42 30.12 -0.76
C SER B 44 -33.89 30.32 -0.41
N SER B 45 -34.20 30.53 0.87
CA SER B 45 -35.61 30.69 1.30
C SER B 45 -35.85 32.14 1.76
N ALA B 46 -35.27 33.11 1.06
CA ALA B 46 -35.37 34.52 1.49
C ALA B 46 -36.64 35.15 0.93
N PRO B 47 -37.12 36.29 1.48
CA PRO B 47 -38.26 36.98 0.91
C PRO B 47 -37.94 37.44 -0.52
N GLU B 48 -38.96 37.65 -1.34
CA GLU B 48 -38.77 38.02 -2.77
C GLU B 48 -37.71 39.12 -2.93
N ASP B 49 -37.94 40.31 -2.40
CA ASP B 49 -37.01 41.44 -2.65
C ASP B 49 -36.32 41.87 -1.36
N CYS B 50 -34.97 41.88 -1.36
CA CYS B 50 -34.20 42.35 -0.18
C CYS B 50 -32.72 42.21 -0.56
N THR B 51 -31.87 43.03 0.05
CA THR B 51 -30.42 42.95 -0.18
C THR B 51 -29.76 43.11 1.19
N SER B 52 -30.49 42.80 2.24
CA SER B 52 -29.97 42.94 3.59
C SER B 52 -30.49 41.81 4.46
N PHE B 53 -29.74 41.54 5.52
CA PHE B 53 -30.09 40.45 6.42
C PHE B 53 -29.19 40.57 7.64
N SER B 54 -29.68 40.21 8.82
CA SER B 54 -28.94 40.30 10.06
C SER B 54 -29.36 39.18 10.99
N ILE B 55 -28.53 38.91 12.00
CA ILE B 55 -28.83 37.77 12.91
C ILE B 55 -28.61 38.19 14.36
N ASN B 56 -29.68 38.26 15.15
CA ASN B 56 -29.50 38.54 16.61
C ASN B 56 -29.72 37.21 17.35
N ALA B 57 -28.67 36.65 17.95
CA ALA B 57 -28.82 35.31 18.58
C ALA B 57 -28.62 35.43 20.09
N SER B 58 -28.91 34.35 20.83
CA SER B 58 -28.71 34.35 22.30
C SER B 58 -27.21 34.31 22.60
N PRO B 59 -26.75 34.63 23.82
CA PRO B 59 -25.31 34.68 24.12
C PRO B 59 -24.58 33.34 24.00
N GLY B 60 -25.34 32.25 23.80
CA GLY B 60 -24.73 30.92 23.68
C GLY B 60 -24.53 30.49 22.24
N VAL B 61 -24.98 31.31 21.28
CA VAL B 61 -24.88 30.94 19.83
C VAL B 61 -23.77 31.77 19.19
N VAL B 62 -22.77 31.11 18.61
CA VAL B 62 -21.66 31.81 17.91
C VAL B 62 -22.06 31.94 16.44
N VAL B 63 -22.49 33.14 16.01
CA VAL B 63 -22.91 33.35 14.59
C VAL B 63 -21.69 33.85 13.82
N ASP B 64 -21.01 32.94 13.15
CA ASP B 64 -19.82 33.31 12.37
C ASP B 64 -20.25 33.68 10.96
N ILE B 65 -19.60 34.66 10.34
CA ILE B 65 -19.94 35.00 8.97
C ILE B 65 -18.67 35.16 8.15
N ALA B 66 -18.73 34.81 6.88
CA ALA B 66 -17.64 35.05 5.93
C ALA B 66 -18.11 36.08 4.93
N HIS B 67 -17.27 37.06 4.65
CA HIS B 67 -17.58 38.16 3.74
C HIS B 67 -18.22 37.70 2.44
N SER B 78 -27.94 45.13 12.73
CA SER B 78 -26.51 44.83 12.70
C SER B 78 -25.79 45.71 11.68
N SER B 79 -24.73 45.16 11.08
CA SER B 79 -24.01 45.89 10.01
C SER B 79 -24.72 45.63 8.67
N THR B 80 -25.82 44.87 8.70
CA THR B 80 -26.63 44.61 7.49
C THR B 80 -25.79 44.00 6.36
N TRP B 81 -24.83 43.12 6.68
CA TRP B 81 -23.97 42.60 5.59
C TRP B 81 -24.86 42.11 4.44
N PRO B 82 -24.77 42.68 3.22
CA PRO B 82 -25.71 42.36 2.14
C PRO B 82 -25.74 40.88 1.74
N LEU B 83 -26.78 40.48 1.01
CA LEU B 83 -26.93 39.07 0.61
C LEU B 83 -26.00 38.73 -0.56
N ASP B 84 -24.71 38.58 -0.28
CA ASP B 84 -23.73 38.20 -1.27
C ASP B 84 -24.18 36.90 -1.94
N PRO B 85 -23.84 36.68 -3.23
CA PRO B 85 -24.20 35.42 -3.90
C PRO B 85 -23.97 34.20 -3.03
N GLY B 86 -22.75 34.02 -2.55
CA GLY B 86 -22.52 33.07 -1.49
C GLY B 86 -21.99 33.76 -0.25
N VAL B 87 -22.81 33.88 0.80
CA VAL B 87 -22.37 34.47 2.05
C VAL B 87 -22.41 33.36 3.10
N GLU B 88 -21.23 32.81 3.41
CA GLU B 88 -21.16 31.65 4.28
C GLU B 88 -21.44 32.05 5.73
N VAL B 89 -22.65 31.71 6.19
CA VAL B 89 -23.02 31.96 7.61
C VAL B 89 -22.99 30.63 8.35
N THR B 90 -22.12 30.49 9.34
CA THR B 90 -21.94 29.25 10.07
C THR B 90 -22.25 29.50 11.54
N LEU B 91 -22.68 28.46 12.24
CA LEU B 91 -23.10 28.65 13.64
C LEU B 91 -22.67 27.50 14.52
N THR B 92 -22.06 27.81 15.66
CA THR B 92 -21.73 26.86 16.71
C THR B 92 -22.39 27.35 17.98
N MET B 93 -22.32 26.52 19.02
CA MET B 93 -22.93 26.90 20.32
C MET B 93 -21.89 26.61 21.39
N LYS B 94 -22.14 27.07 22.62
CA LYS B 94 -21.13 26.89 23.69
C LYS B 94 -21.69 25.95 24.76
N VAL B 95 -22.84 26.28 25.34
CA VAL B 95 -23.34 25.44 26.44
C VAL B 95 -24.30 24.38 25.90
N ALA B 96 -24.09 23.11 26.23
CA ALA B 96 -25.06 22.09 25.82
C ALA B 96 -26.42 22.47 26.36
N SER B 97 -27.51 21.95 25.79
CA SER B 97 -28.87 22.38 26.20
C SER B 97 -29.64 21.25 26.89
N GLY B 98 -30.26 21.54 28.02
CA GLY B 98 -31.14 20.56 28.67
C GLY B 98 -32.56 20.94 28.31
N SER B 99 -32.77 22.19 27.89
CA SER B 99 -34.09 22.61 27.38
C SER B 99 -34.16 22.27 25.89
N THR B 100 -35.24 21.65 25.43
CA THR B 100 -35.30 21.20 24.02
C THR B 100 -35.92 22.29 23.17
N GLY B 101 -35.08 23.02 22.43
CA GLY B 101 -35.59 24.16 21.66
C GLY B 101 -35.45 25.44 22.46
N ASP B 102 -34.24 25.75 22.94
CA ASP B 102 -34.03 26.94 23.80
C ASP B 102 -33.36 28.04 23.00
N GLN B 103 -32.13 27.82 22.53
CA GLN B 103 -31.39 28.90 21.85
C GLN B 103 -32.14 29.29 20.58
N LYS B 104 -32.64 30.52 20.49
CA LYS B 104 -33.47 30.97 19.39
C LYS B 104 -32.69 31.93 18.51
N VAL B 105 -32.51 31.56 17.25
CA VAL B 105 -31.86 32.49 16.29
C VAL B 105 -32.98 33.13 15.49
N GLN B 106 -33.04 34.46 15.49
CA GLN B 106 -34.07 35.19 14.76
C GLN B 106 -33.40 36.06 13.71
N ILE B 107 -33.85 35.88 12.46
CA ILE B 107 -33.19 36.59 11.35
C ILE B 107 -33.99 37.83 11.04
N SER B 108 -33.37 38.80 10.38
CA SER B 108 -34.00 40.06 10.04
C SER B 108 -33.75 40.37 8.57
N TYR B 109 -34.69 39.93 7.74
CA TYR B 109 -34.57 40.22 6.29
C TYR B 109 -35.27 41.54 6.00
N TYR B 110 -34.50 42.64 5.97
CA TYR B 110 -35.05 43.98 5.66
C TYR B 110 -34.56 44.43 4.30
N GLY B 111 -35.43 44.38 3.29
CA GLY B 111 -35.05 44.87 1.95
C GLY B 111 -35.67 46.22 1.68
N PRO B 112 -36.47 46.43 0.61
CA PRO B 112 -37.14 47.71 0.39
C PRO B 112 -38.66 47.68 0.60
N LYS B 113 -39.41 46.80 1.31
CA LYS B 113 -40.95 46.77 1.16
C LYS B 113 -41.92 47.02 2.36
N THR B 114 -41.38 46.93 3.59
CA THR B 114 -42.13 47.12 4.87
C THR B 114 -41.14 46.76 5.99
N PRO B 115 -41.42 46.95 7.30
CA PRO B 115 -40.47 46.52 8.35
C PRO B 115 -40.01 45.10 8.05
N PRO B 116 -38.81 44.63 8.45
CA PRO B 116 -38.36 43.30 8.00
C PRO B 116 -39.27 42.17 8.42
N VAL B 117 -39.36 41.16 7.55
CA VAL B 117 -39.88 39.86 7.95
C VAL B 117 -38.79 39.08 8.65
N LYS B 118 -39.19 38.20 9.56
CA LYS B 118 -38.24 37.53 10.43
C LYS B 118 -38.50 36.03 10.42
N ALA B 119 -37.41 35.25 10.52
CA ALA B 119 -37.47 33.81 10.57
C ALA B 119 -36.89 33.33 11.89
N LEU B 120 -37.42 32.20 12.38
CA LEU B 120 -37.09 31.68 13.70
C LEU B 120 -36.50 30.29 13.56
N LEU B 121 -35.35 30.05 14.20
CA LEU B 121 -34.75 28.70 14.22
C LEU B 121 -34.50 28.33 15.67
N TYR B 122 -35.37 27.52 16.25
CA TYR B 122 -35.23 27.13 17.67
C TYR B 122 -34.25 25.96 17.74
N LEU B 123 -32.97 26.23 18.03
CA LEU B 123 -31.91 25.19 18.02
C LEU B 123 -31.80 24.45 19.36
N THR B 124 -30.75 23.66 19.52
CA THR B 124 -30.47 22.93 20.78
C THR B 124 -29.03 22.45 20.69
N GLY B 125 -28.32 22.33 21.83
CA GLY B 125 -26.94 21.80 21.83
C GLY B 125 -26.85 20.40 22.45
N VAL B 126 -26.18 19.46 21.78
CA VAL B 126 -25.94 18.09 22.29
C VAL B 126 -24.44 17.84 22.15
N GLU B 127 -23.87 16.87 22.87
CA GLU B 127 -22.43 16.61 22.83
C GLU B 127 -22.24 15.09 22.77
N ILE B 128 -21.95 14.59 21.57
CA ILE B 128 -21.66 13.19 21.34
C ILE B 128 -20.18 13.08 21.03
N SER B 129 -19.41 12.55 21.96
CA SER B 129 -17.96 12.46 21.84
C SER B 129 -17.52 11.01 21.85
N LEU B 130 -16.72 10.63 20.86
CA LEU B 130 -16.15 9.29 20.74
C LEU B 130 -14.63 9.44 20.80
N CYS B 131 -14.08 9.38 22.00
CA CYS B 131 -12.65 9.54 22.22
C CYS B 131 -11.96 8.18 22.36
N ALA B 132 -10.66 8.17 22.10
CA ALA B 132 -9.85 6.94 22.20
C ALA B 132 -8.39 7.34 22.49
N ASP B 133 -7.44 6.42 22.34
CA ASP B 133 -5.99 6.75 22.52
C ASP B 133 -5.38 7.11 21.17
N ILE B 134 -5.89 8.16 20.54
CA ILE B 134 -5.36 8.63 19.24
C ILE B 134 -4.02 9.34 19.47
N THR B 135 -3.83 9.99 20.63
CA THR B 135 -2.59 10.71 20.88
C THR B 135 -1.40 9.79 21.10
N ARG B 136 -1.64 8.47 21.12
CA ARG B 136 -0.54 7.49 21.18
C ARG B 136 0.38 7.74 22.37
N THR B 137 -0.20 8.10 23.51
CA THR B 137 0.63 8.25 24.75
C THR B 137 0.25 7.10 25.69
N GLY B 138 -1.00 6.63 25.61
CA GLY B 138 -1.39 5.46 26.42
C GLY B 138 -1.73 5.84 27.84
N GLN B 149 -8.41 14.32 12.72
CA GLN B 149 -8.27 14.11 11.28
C GLN B 149 -8.99 12.84 10.84
N ARG B 150 -9.29 11.97 11.81
CA ARG B 150 -9.98 10.70 11.55
C ARG B 150 -9.20 9.83 10.57
N THR B 151 -7.88 10.02 10.51
CA THR B 151 -7.01 9.24 9.65
C THR B 151 -5.82 8.76 10.48
N TRP B 152 -5.27 7.62 10.08
CA TRP B 152 -4.13 7.02 10.78
C TRP B 152 -2.84 7.49 10.11
N THR B 153 -2.04 8.23 10.90
CA THR B 153 -0.79 8.78 10.35
C THR B 153 0.37 8.22 11.16
N TRP B 154 1.54 8.06 10.53
CA TRP B 154 2.74 7.49 11.20
C TRP B 154 3.67 8.63 11.56
N GLY B 155 4.58 8.43 12.51
CA GLY B 155 5.58 9.46 12.78
C GLY B 155 5.69 9.92 14.22
N PRO B 156 6.76 10.66 14.57
CA PRO B 156 6.93 11.12 15.92
C PRO B 156 5.74 12.02 16.22
N CYS B 157 5.12 12.57 15.16
CA CYS B 157 3.96 13.46 15.33
C CYS B 157 2.82 12.97 14.45
N GLY B 158 1.89 12.20 15.00
CA GLY B 158 0.74 11.75 14.20
C GLY B 158 -0.43 11.43 15.08
N GLN B 159 -1.48 10.84 14.53
CA GLN B 159 -2.63 10.42 15.38
C GLN B 159 -3.00 8.97 15.07
N GLY B 160 -3.47 8.21 16.05
CA GLY B 160 -3.96 6.84 15.77
C GLY B 160 -4.11 5.94 16.99
N ALA B 161 -5.04 4.98 16.97
CA ALA B 161 -5.18 4.01 18.05
C ALA B 161 -4.66 2.65 17.58
N ILE B 162 -4.23 1.84 18.53
CA ILE B 162 -3.59 0.55 18.26
C ILE B 162 -4.46 -0.55 18.83
N LEU B 163 -4.71 -1.57 18.03
CA LEU B 163 -5.59 -2.70 18.36
C LEU B 163 -4.75 -3.97 18.40
N LEU B 164 -4.62 -4.57 19.58
CA LEU B 164 -3.91 -5.83 19.69
C LEU B 164 -4.83 -6.99 19.32
N VAL B 165 -4.22 -8.11 18.95
CA VAL B 165 -4.95 -9.31 18.56
C VAL B 165 -5.06 -10.24 19.77
N ASN B 166 -6.21 -10.89 19.90
CA ASN B 166 -6.44 -11.83 20.99
C ASN B 166 -6.04 -13.22 20.49
N CYS B 167 -4.76 -13.56 20.65
CA CYS B 167 -4.28 -14.90 20.25
C CYS B 167 -3.63 -15.58 21.45
N ASP B 168 -4.15 -15.35 22.66
CA ASP B 168 -3.55 -15.92 23.89
C ASP B 168 -4.65 -16.35 24.86
N ARG B 169 -4.32 -17.24 25.81
CA ARG B 169 -5.30 -17.70 26.81
C ARG B 169 -4.94 -17.10 28.17
N ASP B 170 -5.79 -16.22 28.71
CA ASP B 170 -5.52 -15.58 30.03
C ASP B 170 -6.50 -16.13 31.07
N LEU B 185 -10.07 -12.99 31.67
CA LEU B 185 -11.25 -12.71 32.49
C LEU B 185 -11.02 -11.49 33.37
N ASP B 186 -12.08 -10.71 33.56
CA ASP B 186 -12.05 -9.46 34.32
C ASP B 186 -10.85 -8.59 33.95
N SER B 187 -10.04 -8.23 34.95
CA SER B 187 -9.01 -7.22 34.75
C SER B 187 -7.96 -7.66 33.73
N GLU B 188 -7.55 -8.92 33.78
CA GLU B 188 -6.50 -9.38 32.87
C GLU B 188 -6.95 -9.27 31.42
N ASP B 189 -8.24 -9.44 31.17
CA ASP B 189 -8.77 -9.21 29.83
C ASP B 189 -8.93 -7.73 29.56
N LEU B 190 -9.29 -6.95 30.58
CA LEU B 190 -9.49 -5.52 30.40
C LEU B 190 -8.19 -4.81 30.04
N GLN B 191 -7.05 -5.42 30.36
CA GLN B 191 -5.76 -4.77 30.18
C GLN B 191 -5.15 -4.99 28.79
N ASP B 192 -5.78 -5.81 27.93
CA ASP B 192 -5.30 -5.95 26.56
C ASP B 192 -6.38 -5.67 25.51
N MET B 193 -7.57 -5.24 25.90
CA MET B 193 -8.52 -4.68 24.96
C MET B 193 -8.37 -3.17 24.95
N SER B 194 -8.78 -2.56 23.83
CA SER B 194 -8.74 -1.10 23.73
C SER B 194 -9.90 -0.48 24.50
N LEU B 195 -9.88 0.85 24.63
CA LEU B 195 -10.86 1.55 25.45
C LEU B 195 -11.36 2.77 24.69
N MET B 196 -12.51 2.62 24.04
CA MET B 196 -13.22 3.75 23.47
C MET B 196 -14.18 4.35 24.50
N THR B 197 -14.27 5.66 24.52
CA THR B 197 -15.17 6.38 25.41
C THR B 197 -16.21 7.14 24.61
N LEU B 198 -17.48 6.96 24.98
CA LEU B 198 -18.61 7.63 24.33
C LEU B 198 -19.34 8.44 25.38
N SER B 199 -19.16 9.76 25.33
CA SER B 199 -19.89 10.65 26.22
C SER B 199 -21.04 11.32 25.48
N THR B 200 -22.20 11.39 26.15
CA THR B 200 -23.41 11.94 25.57
C THR B 200 -24.06 12.93 26.53
N LYS B 201 -23.84 14.24 26.30
CA LYS B 201 -24.54 15.30 27.09
C LYS B 201 -25.70 15.77 26.22
N THR B 202 -26.89 15.24 26.45
CA THR B 202 -28.07 15.47 25.63
C THR B 202 -29.21 15.92 26.52
N PRO B 203 -30.21 16.64 25.98
CA PRO B 203 -31.40 16.99 26.74
C PRO B 203 -32.06 15.72 27.30
N LYS B 204 -32.92 15.87 28.31
CA LYS B 204 -33.55 14.73 28.96
C LYS B 204 -34.46 13.99 28.01
N ASP B 205 -35.23 14.71 27.20
CA ASP B 205 -36.16 14.09 26.27
C ASP B 205 -35.57 13.94 24.87
N PHE B 206 -34.26 14.17 24.72
CA PHE B 206 -33.64 14.09 23.40
C PHE B 206 -33.71 12.69 22.83
N PHE B 207 -33.55 11.67 23.66
CA PHE B 207 -33.51 10.30 23.19
C PHE B 207 -34.89 9.66 23.19
N THR B 208 -35.94 10.45 23.18
CA THR B 208 -37.29 9.94 22.96
C THR B 208 -37.63 9.85 21.49
N ASN B 209 -37.08 10.74 20.67
CA ASN B 209 -37.29 10.76 19.23
C ASN B 209 -35.97 10.79 18.46
N HIS B 210 -34.88 10.34 19.10
CA HIS B 210 -33.60 10.14 18.43
C HIS B 210 -33.03 8.79 18.85
N THR B 211 -32.13 8.26 18.03
CA THR B 211 -31.45 7.02 18.34
C THR B 211 -30.03 7.05 17.80
N LEU B 212 -29.15 6.31 18.47
CA LEU B 212 -27.76 6.19 18.06
C LEU B 212 -27.47 4.78 17.58
N VAL B 213 -26.54 4.66 16.65
CA VAL B 213 -26.13 3.37 16.10
C VAL B 213 -24.60 3.31 16.08
N LEU B 214 -24.05 2.15 16.43
CA LEU B 214 -22.61 1.93 16.35
C LEU B 214 -22.38 0.69 15.50
N HIS B 215 -21.70 0.87 14.37
CA HIS B 215 -21.63 -0.15 13.34
C HIS B 215 -20.25 -0.22 12.71
N VAL B 216 -19.91 -1.39 12.17
CA VAL B 216 -18.71 -1.59 11.40
C VAL B 216 -19.09 -1.90 9.96
N ALA B 217 -18.11 -1.86 9.05
CA ALA B 217 -18.36 -2.22 7.64
C ALA B 217 -18.46 -3.74 7.51
N ARG B 218 -18.96 -4.24 6.37
CA ARG B 218 -19.18 -5.70 6.21
C ARG B 218 -17.91 -6.35 5.66
N SER B 219 -16.79 -5.67 5.78
CA SER B 219 -15.49 -6.21 5.31
C SER B 219 -14.62 -6.38 6.54
N GLU B 220 -14.84 -5.55 7.55
CA GLU B 220 -14.03 -5.58 8.75
C GLU B 220 -14.75 -6.24 9.91
N MET B 221 -15.96 -6.76 9.67
CA MET B 221 -16.75 -7.39 10.75
C MET B 221 -15.98 -8.56 11.34
N ASP B 222 -15.40 -9.41 10.49
CA ASP B 222 -14.76 -10.63 10.95
C ASP B 222 -13.40 -10.37 11.59
N LYS B 223 -12.87 -9.15 11.46
CA LYS B 223 -11.52 -8.84 12.00
C LYS B 223 -11.62 -7.98 13.26
N VAL B 224 -12.82 -7.86 13.86
CA VAL B 224 -12.97 -7.03 15.04
C VAL B 224 -14.22 -7.43 15.82
N ARG B 225 -14.12 -7.43 17.15
CA ARG B 225 -15.23 -7.71 18.06
C ARG B 225 -15.25 -6.69 19.19
N VAL B 226 -16.44 -6.25 19.58
CA VAL B 226 -16.57 -5.18 20.56
C VAL B 226 -17.52 -5.62 21.68
N PHE B 227 -17.18 -5.22 22.91
CA PHE B 227 -17.96 -5.48 24.12
C PHE B 227 -18.29 -4.16 24.79
N GLN B 228 -19.53 -3.98 25.19
CA GLN B 228 -19.97 -2.75 25.85
C GLN B 228 -19.87 -2.97 27.36
N ALA B 229 -19.08 -2.13 28.03
CA ALA B 229 -18.93 -2.21 29.48
C ALA B 229 -20.21 -1.76 30.17
N LYS B 237 -22.29 -4.76 32.66
CA LYS B 237 -21.10 -5.62 32.50
C LYS B 237 -20.71 -5.67 31.01
N CYS B 238 -19.53 -6.23 30.71
CA CYS B 238 -19.09 -6.35 29.30
C CYS B 238 -20.14 -7.15 28.51
N SER B 239 -20.56 -6.67 27.33
CA SER B 239 -21.65 -7.39 26.63
C SER B 239 -21.40 -7.38 25.11
N VAL B 240 -21.93 -8.35 24.37
CA VAL B 240 -21.61 -8.39 22.90
C VAL B 240 -22.32 -7.23 22.20
N VAL B 241 -21.56 -6.33 21.57
CA VAL B 241 -22.18 -5.19 20.83
C VAL B 241 -22.16 -5.50 19.33
N LEU B 242 -21.01 -5.37 18.64
CA LEU B 242 -20.89 -5.70 17.19
C LEU B 242 -20.04 -6.96 17.09
N GLY B 243 -19.76 -7.45 15.87
CA GLY B 243 -18.86 -8.62 15.90
C GLY B 243 -18.78 -9.25 14.53
N PRO B 244 -18.43 -10.54 14.39
CA PRO B 244 -18.20 -11.16 13.08
C PRO B 244 -19.47 -11.54 12.37
N LYS B 245 -20.57 -11.70 13.11
CA LYS B 245 -21.84 -12.07 12.51
C LYS B 245 -22.85 -10.93 12.47
N TRP B 246 -22.74 -9.97 13.39
CA TRP B 246 -23.69 -8.87 13.47
C TRP B 246 -23.01 -7.60 12.99
N PRO B 247 -23.49 -6.95 11.92
CA PRO B 247 -22.79 -5.78 11.39
C PRO B 247 -23.09 -4.47 12.11
N SER B 248 -24.20 -4.36 12.84
CA SER B 248 -24.65 -3.11 13.41
C SER B 248 -25.29 -3.35 14.76
N HIS B 249 -25.43 -2.27 15.54
CA HIS B 249 -26.13 -2.35 16.80
C HIS B 249 -26.70 -0.99 17.17
N TYR B 250 -27.90 -1.02 17.74
CA TYR B 250 -28.56 0.15 18.30
C TYR B 250 -28.23 0.26 19.78
N LEU B 251 -28.12 1.49 20.26
CA LEU B 251 -27.75 1.73 21.65
C LEU B 251 -28.93 2.27 22.44
N MET B 252 -28.82 2.15 23.75
CA MET B 252 -29.81 2.68 24.69
C MET B 252 -29.08 3.63 25.65
N VAL B 253 -29.32 4.93 25.49
CA VAL B 253 -28.66 5.96 26.27
C VAL B 253 -29.72 6.78 26.98
N PRO B 254 -29.68 6.90 28.30
CA PRO B 254 -30.60 7.80 28.99
C PRO B 254 -30.18 9.25 28.86
N GLY B 255 -31.11 10.13 29.18
CA GLY B 255 -30.88 11.55 29.03
C GLY B 255 -29.90 12.09 30.03
N GLY B 256 -29.44 13.31 29.78
CA GLY B 256 -28.47 13.94 30.69
C GLY B 256 -27.06 13.47 30.36
N LYS B 257 -26.21 13.34 31.38
CA LYS B 257 -24.84 12.81 31.15
C LYS B 257 -24.85 11.29 31.35
N HIS B 258 -24.35 10.53 30.37
CA HIS B 258 -24.20 9.06 30.53
C HIS B 258 -23.02 8.58 29.70
N ASN B 259 -21.94 8.15 30.36
CA ASN B 259 -20.73 7.71 29.67
C ASN B 259 -20.77 6.20 29.49
N MET B 260 -20.48 5.76 28.27
CA MET B 260 -20.42 4.34 27.92
C MET B 260 -19.05 4.03 27.36
N ASP B 261 -18.37 3.05 27.96
CA ASP B 261 -17.02 2.67 27.56
C ASP B 261 -17.08 1.33 26.85
N PHE B 262 -16.33 1.21 25.75
CA PHE B 262 -16.31 -0.01 24.96
C PHE B 262 -14.92 -0.64 24.98
N TYR B 263 -14.88 -1.94 24.73
CA TYR B 263 -13.63 -2.66 24.57
C TYR B 263 -13.64 -3.41 23.24
N VAL B 264 -12.49 -3.47 22.59
CA VAL B 264 -12.41 -3.94 21.21
C VAL B 264 -11.20 -4.86 21.06
N GLU B 265 -11.40 -5.98 20.37
CA GLU B 265 -10.31 -6.90 20.06
C GLU B 265 -10.28 -7.18 18.57
N ALA B 266 -9.08 -7.37 18.03
CA ALA B 266 -8.92 -7.84 16.67
C ALA B 266 -8.78 -9.36 16.66
N LEU B 267 -9.23 -9.98 15.56
CA LEU B 267 -9.17 -11.42 15.40
C LEU B 267 -8.29 -11.84 14.23
N ALA B 268 -7.55 -10.90 13.64
CA ALA B 268 -6.71 -11.22 12.50
C ALA B 268 -5.44 -10.39 12.54
N PHE B 269 -4.39 -10.93 11.95
CA PHE B 269 -3.13 -10.24 11.74
C PHE B 269 -3.11 -9.62 10.36
N PRO B 270 -2.37 -8.54 10.15
CA PRO B 270 -2.30 -7.93 8.83
C PRO B 270 -1.80 -8.92 7.79
N ASP B 271 -2.42 -8.91 6.61
CA ASP B 271 -2.04 -9.77 5.51
C ASP B 271 -2.35 -9.05 4.20
N THR B 272 -2.26 -9.79 3.10
CA THR B 272 -2.57 -9.21 1.80
C THR B 272 -4.04 -8.83 1.71
N ASP B 273 -4.93 -9.68 2.25
CA ASP B 273 -6.35 -9.37 2.25
C ASP B 273 -6.72 -8.28 3.24
N PHE B 274 -5.88 -8.05 4.25
CA PHE B 274 -6.21 -7.08 5.33
C PHE B 274 -5.07 -6.08 5.50
N PRO B 275 -5.20 -4.83 5.01
CA PRO B 275 -4.18 -3.80 5.24
C PRO B 275 -3.85 -3.59 6.73
N GLY B 276 -4.87 -3.46 7.59
CA GLY B 276 -4.63 -3.38 9.05
C GLY B 276 -5.42 -2.29 9.71
N LEU B 277 -6.25 -1.56 8.95
CA LEU B 277 -6.97 -0.44 9.51
C LEU B 277 -8.44 -0.81 9.71
N ILE B 278 -8.97 -0.51 10.90
CA ILE B 278 -10.37 -0.75 11.23
C ILE B 278 -11.01 0.60 11.53
N THR B 279 -12.30 0.73 11.22
CA THR B 279 -13.01 1.97 11.52
C THR B 279 -14.34 1.64 12.19
N LEU B 280 -14.69 2.41 13.21
CA LEU B 280 -15.96 2.28 13.92
C LEU B 280 -16.66 3.64 13.95
N THR B 281 -17.96 3.64 13.69
CA THR B 281 -18.73 4.86 13.49
C THR B 281 -19.93 4.93 14.44
N ILE B 282 -20.20 6.14 14.92
CA ILE B 282 -21.42 6.46 15.68
C ILE B 282 -22.21 7.47 14.86
N SER B 283 -23.52 7.28 14.86
CA SER B 283 -24.40 8.11 14.05
C SER B 283 -25.67 8.41 14.82
N LEU B 284 -26.18 9.64 14.66
CA LEU B 284 -27.41 10.07 15.30
C LEU B 284 -28.53 9.99 14.26
N LEU B 285 -29.41 9.01 14.43
CA LEU B 285 -30.55 8.82 13.53
C LEU B 285 -31.76 9.49 14.15
N ASP B 286 -32.18 10.62 13.56
CA ASP B 286 -33.38 11.28 14.01
C ASP B 286 -34.58 10.42 13.66
N THR B 287 -35.48 10.25 14.64
CA THR B 287 -36.68 9.42 14.45
C THR B 287 -37.84 10.14 15.14
N SER B 288 -38.51 11.02 14.39
CA SER B 288 -39.61 11.79 14.92
C SER B 288 -40.96 11.43 14.32
N ASN B 289 -40.97 10.86 13.11
CA ASN B 289 -42.19 10.34 12.51
C ASN B 289 -42.09 8.83 12.35
N LEU B 290 -43.15 8.14 12.73
CA LEU B 290 -43.16 6.69 12.76
C LEU B 290 -43.53 6.07 11.42
N GLU B 291 -43.83 6.89 10.40
CA GLU B 291 -44.20 6.39 9.09
C GLU B 291 -43.12 6.59 8.04
N LEU B 292 -42.08 7.36 8.34
CA LEU B 292 -40.97 7.60 7.43
C LEU B 292 -39.69 6.97 7.96
N PRO B 293 -38.76 6.59 7.08
CA PRO B 293 -37.50 6.01 7.55
C PRO B 293 -36.66 7.02 8.32
N GLU B 294 -35.70 6.49 9.06
CA GLU B 294 -34.84 7.29 9.94
C GLU B 294 -33.83 8.10 9.12
N ALA B 295 -33.38 9.21 9.71
CA ALA B 295 -32.55 10.18 9.02
C ALA B 295 -31.29 10.47 9.81
N VAL B 296 -30.17 10.62 9.10
CA VAL B 296 -28.89 10.88 9.74
C VAL B 296 -28.70 12.38 9.91
N VAL B 297 -28.13 12.78 11.04
CA VAL B 297 -27.91 14.19 11.32
C VAL B 297 -26.46 14.44 11.73
N PHE B 298 -25.75 13.40 12.16
CA PHE B 298 -24.39 13.57 12.67
C PHE B 298 -23.68 12.23 12.63
N GLN B 299 -22.38 12.27 12.30
CA GLN B 299 -21.57 11.07 12.21
C GLN B 299 -20.18 11.34 12.75
N ASP B 300 -19.69 10.46 13.61
CA ASP B 300 -18.34 10.55 14.15
C ASP B 300 -17.68 9.18 14.12
N SER B 301 -16.49 9.12 13.54
CA SER B 301 -15.80 7.85 13.32
C SER B 301 -14.46 7.86 14.02
N VAL B 302 -13.88 6.67 14.15
CA VAL B 302 -12.54 6.50 14.70
C VAL B 302 -11.86 5.35 13.98
N VAL B 303 -10.54 5.44 13.86
CA VAL B 303 -9.74 4.49 13.09
C VAL B 303 -8.68 3.88 13.99
N PHE B 304 -8.64 2.54 14.02
CA PHE B 304 -7.61 1.78 14.70
C PHE B 304 -6.69 1.12 13.68
N ARG B 305 -5.48 0.77 14.12
CA ARG B 305 -4.58 -0.05 13.33
C ARG B 305 -4.18 -1.26 14.16
N VAL B 306 -4.24 -2.45 13.57
CA VAL B 306 -3.86 -3.66 14.28
C VAL B 306 -2.35 -3.75 14.35
N ALA B 307 -1.83 -4.01 15.55
CA ALA B 307 -0.39 -4.10 15.77
C ALA B 307 0.21 -5.30 15.06
N PRO B 308 1.39 -5.16 14.49
CA PRO B 308 1.97 -6.23 13.67
C PRO B 308 2.83 -7.19 14.47
N TRP B 309 3.36 -8.17 13.74
CA TRP B 309 4.26 -9.17 14.30
C TRP B 309 5.70 -8.70 14.15
N ILE B 310 6.39 -8.45 15.27
CA ILE B 310 7.75 -7.93 15.26
C ILE B 310 8.70 -8.99 15.80
N MET B 311 9.79 -9.23 15.08
CA MET B 311 10.78 -10.23 15.44
C MET B 311 12.02 -9.57 16.03
N THR B 312 12.73 -10.27 16.91
CA THR B 312 13.90 -9.68 17.62
C THR B 312 15.20 -10.39 17.22
N PRO B 313 16.33 -9.67 17.03
CA PRO B 313 17.58 -10.29 16.57
C PRO B 313 18.47 -10.79 17.73
N ASN B 314 19.74 -11.06 17.43
CA ASN B 314 20.67 -11.59 18.48
C ASN B 314 21.53 -10.53 19.18
N THR B 315 21.09 -9.27 19.16
CA THR B 315 21.81 -8.22 19.89
C THR B 315 20.98 -7.81 21.10
N GLN B 316 19.71 -8.21 21.15
CA GLN B 316 18.88 -7.74 22.25
C GLN B 316 19.14 -8.63 23.47
N PRO B 317 19.13 -8.08 24.68
CA PRO B 317 19.42 -8.88 25.88
C PRO B 317 18.42 -10.02 26.05
N PRO B 318 18.85 -11.23 26.48
CA PRO B 318 17.94 -12.37 26.59
C PRO B 318 17.00 -12.24 27.79
N GLN B 319 15.91 -12.99 27.77
CA GLN B 319 14.97 -12.98 28.93
C GLN B 319 14.75 -14.42 29.40
N GLU B 320 14.49 -15.35 28.47
CA GLU B 320 14.18 -16.75 28.86
C GLU B 320 14.70 -17.71 27.79
N VAL B 321 15.24 -18.88 28.20
CA VAL B 321 15.75 -19.91 27.26
C VAL B 321 14.95 -21.20 27.45
N TYR B 322 14.96 -22.12 26.47
CA TYR B 322 14.17 -23.33 26.55
C TYR B 322 15.00 -24.49 26.00
N ALA B 323 14.46 -25.70 26.17
CA ALA B 323 15.20 -26.89 25.72
C ALA B 323 14.26 -28.09 25.62
N CYS B 324 14.79 -29.25 25.28
CA CYS B 324 13.96 -30.47 25.13
C CYS B 324 14.59 -31.62 25.89
N SER B 325 14.30 -32.86 25.51
CA SER B 325 14.83 -34.03 26.24
C SER B 325 15.25 -35.15 25.29
N ILE B 326 16.38 -34.99 24.59
CA ILE B 326 16.91 -36.06 23.72
C ILE B 326 17.87 -36.92 24.56
N PHE B 327 17.87 -36.73 25.88
CA PHE B 327 18.69 -37.55 26.82
C PHE B 327 20.21 -37.51 26.62
N GLU B 328 20.72 -36.44 26.02
CA GLU B 328 22.19 -36.26 25.88
C GLU B 328 22.52 -34.91 26.50
N ASN B 329 21.49 -34.12 26.78
CA ASN B 329 21.68 -32.74 27.30
C ASN B 329 22.65 -32.71 28.49
N GLU B 330 22.67 -33.74 29.33
CA GLU B 330 23.55 -33.66 30.53
C GLU B 330 24.87 -32.98 30.13
N ASP B 331 25.51 -33.46 29.07
CA ASP B 331 26.79 -32.88 28.60
C ASP B 331 26.56 -31.47 28.04
N PHE B 332 25.51 -31.28 27.25
CA PHE B 332 25.19 -29.96 26.67
C PHE B 332 24.59 -29.04 27.73
N LEU B 333 23.42 -29.40 28.27
CA LEU B 333 22.73 -28.56 29.27
C LEU B 333 23.68 -28.18 30.39
N LYS B 334 24.76 -28.93 30.61
CA LYS B 334 25.63 -28.49 31.70
C LYS B 334 26.34 -27.19 31.38
N SER B 335 26.66 -26.93 30.12
CA SER B 335 27.28 -25.68 29.71
C SER B 335 26.26 -24.58 29.46
N VAL B 336 25.11 -24.92 28.90
CA VAL B 336 24.03 -23.91 28.71
C VAL B 336 23.64 -23.38 30.08
N THR B 337 23.46 -24.28 31.05
CA THR B 337 23.07 -23.88 32.39
C THR B 337 24.08 -22.91 32.98
N THR B 338 25.38 -23.17 32.84
CA THR B 338 26.36 -22.21 33.33
C THR B 338 26.28 -20.90 32.57
N LEU B 339 26.10 -20.97 31.25
CA LEU B 339 26.10 -19.72 30.42
C LEU B 339 24.95 -18.81 30.85
N ALA B 340 23.75 -19.36 31.04
CA ALA B 340 22.56 -18.53 31.36
C ALA B 340 22.82 -17.70 32.61
N MET B 341 23.51 -18.25 33.60
CA MET B 341 23.85 -17.46 34.77
C MET B 341 25.16 -16.69 34.63
N LYS B 342 25.93 -16.96 33.58
CA LYS B 342 27.04 -16.05 33.26
C LYS B 342 26.51 -14.68 32.85
N ALA B 343 25.41 -14.66 32.10
CA ALA B 343 24.80 -13.39 31.66
C ALA B 343 23.66 -12.98 32.59
N LYS B 344 23.45 -13.73 33.68
CA LYS B 344 22.38 -13.46 34.64
C LYS B 344 21.00 -13.52 33.98
N CYS B 345 20.72 -14.66 33.37
CA CYS B 345 19.44 -14.94 32.75
C CYS B 345 18.73 -16.07 33.50
N LYS B 346 17.56 -16.45 32.99
CA LYS B 346 16.77 -17.53 33.57
C LYS B 346 16.72 -18.68 32.58
N LEU B 347 16.97 -19.88 33.05
CA LEU B 347 16.97 -21.07 32.21
C LEU B 347 15.76 -21.91 32.59
N THR B 348 14.71 -21.81 31.78
CA THR B 348 13.48 -22.57 31.99
C THR B 348 13.55 -23.85 31.17
N ILE B 349 14.00 -24.93 31.82
CA ILE B 349 14.06 -26.26 31.23
C ILE B 349 12.63 -26.72 30.95
N CYS B 350 12.47 -27.60 29.96
CA CYS B 350 11.16 -28.18 29.68
C CYS B 350 11.21 -29.66 30.01
N PRO B 351 10.58 -30.10 31.10
CA PRO B 351 10.46 -31.53 31.37
C PRO B 351 9.17 -32.10 30.80
N GLU B 352 9.02 -33.43 30.86
CA GLU B 352 7.81 -34.07 30.37
C GLU B 352 7.53 -35.36 31.14
N GLU B 364 11.76 -24.27 14.25
CA GLU B 364 10.41 -24.26 13.69
C GLU B 364 9.47 -23.36 14.49
N MET B 365 10.02 -22.72 15.52
CA MET B 365 9.23 -21.88 16.42
C MET B 365 9.96 -20.56 16.63
N GLU B 366 9.35 -19.46 16.21
CA GLU B 366 9.95 -18.14 16.32
C GLU B 366 9.08 -17.26 17.20
N ILE B 367 9.68 -16.61 18.18
CA ILE B 367 8.95 -15.83 19.16
C ILE B 367 9.23 -14.35 18.92
N GLY B 368 8.18 -13.61 18.57
CA GLY B 368 8.25 -12.18 18.43
C GLY B 368 7.43 -11.48 19.51
N TYR B 369 7.22 -10.18 19.33
CA TYR B 369 6.42 -9.39 20.26
C TYR B 369 5.45 -8.50 19.52
N ILE B 370 4.19 -8.48 19.96
CA ILE B 370 3.19 -7.56 19.45
C ILE B 370 2.90 -6.54 20.56
N GLN B 371 3.06 -5.25 20.26
CA GLN B 371 2.97 -4.25 21.35
C GLN B 371 1.92 -3.17 21.08
N ALA B 372 1.26 -2.70 22.15
CA ALA B 372 0.32 -1.58 22.03
C ALA B 372 0.77 -0.57 23.09
N PRO B 373 0.23 0.66 23.16
CA PRO B 373 0.64 1.57 24.23
C PRO B 373 0.30 0.99 25.62
N HIS B 374 -0.57 -0.03 25.70
CA HIS B 374 -1.04 -0.54 27.02
C HIS B 374 -0.51 -1.94 27.38
N LYS B 375 0.23 -2.61 26.50
CA LYS B 375 0.66 -3.97 26.80
C LYS B 375 1.74 -4.39 25.80
N THR B 376 2.66 -5.25 26.26
CA THR B 376 3.73 -5.78 25.42
C THR B 376 3.66 -7.31 25.34
N LEU B 377 2.48 -7.82 25.05
CA LEU B 377 2.27 -9.26 24.95
C LEU B 377 3.15 -9.88 23.87
N PRO B 378 3.96 -10.89 24.19
CA PRO B 378 4.72 -11.60 23.16
C PRO B 378 3.84 -12.53 22.35
N VAL B 379 4.39 -13.04 21.25
CA VAL B 379 3.65 -13.92 20.34
C VAL B 379 4.59 -14.99 19.80
N VAL B 380 4.03 -16.18 19.53
CA VAL B 380 4.76 -17.28 18.94
C VAL B 380 4.23 -17.54 17.53
N PHE B 381 5.12 -17.93 16.63
CA PHE B 381 4.80 -18.26 15.26
C PHE B 381 5.44 -19.60 14.91
N ASP B 382 4.68 -20.44 14.20
CA ASP B 382 5.14 -21.78 13.86
C ASP B 382 4.48 -22.20 12.56
N SER B 383 5.02 -23.25 11.96
CA SER B 383 4.48 -23.80 10.72
C SER B 383 4.28 -25.31 10.83
N GLY B 399 0.38 -19.41 26.32
CA GLY B 399 -0.09 -19.36 27.71
C GLY B 399 -0.65 -18.00 28.04
N PRO B 400 -0.48 -17.49 29.27
CA PRO B 400 -0.95 -16.16 29.63
C PRO B 400 -0.37 -15.09 28.70
N ASP B 401 0.84 -14.62 28.98
CA ASP B 401 1.44 -13.56 28.15
C ASP B 401 2.16 -14.20 26.97
N PHE B 402 1.41 -14.79 26.05
CA PHE B 402 2.04 -15.35 24.84
C PHE B 402 1.07 -15.20 23.67
N GLY B 403 1.37 -15.82 22.53
CA GLY B 403 0.54 -15.60 21.35
C GLY B 403 0.76 -16.69 20.33
N TYR B 404 -0.03 -16.61 19.27
CA TYR B 404 -0.04 -17.62 18.22
C TYR B 404 -0.48 -16.99 16.91
N VAL B 405 0.14 -17.44 15.82
CA VAL B 405 -0.18 -17.00 14.47
C VAL B 405 -0.18 -18.24 13.57
N PRO B 409 -0.97 -23.08 4.28
CA PRO B 409 -1.63 -24.38 4.38
C PRO B 409 -0.62 -25.50 4.58
N GLN B 410 -0.96 -26.44 5.46
CA GLN B 410 -0.05 -27.55 5.73
C GLN B 410 0.05 -28.48 4.52
N THR B 411 -1.04 -28.64 3.79
CA THR B 411 -1.03 -29.46 2.59
C THR B 411 -0.79 -28.60 1.35
N GLY B 412 0.21 -28.98 0.57
CA GLY B 412 0.57 -28.21 -0.62
C GLY B 412 1.59 -27.14 -0.33
N GLY B 413 2.53 -26.94 -1.25
CA GLY B 413 3.57 -25.96 -1.03
C GLY B 413 4.48 -26.27 0.14
N ILE B 414 4.86 -27.54 0.29
CA ILE B 414 5.71 -27.99 1.38
C ILE B 414 7.09 -28.28 0.82
N SER B 415 8.11 -27.67 1.41
CA SER B 415 9.50 -27.91 1.04
C SER B 415 10.36 -27.79 2.28
N GLY B 416 11.67 -27.89 2.11
CA GLY B 416 12.59 -27.74 3.21
C GLY B 416 12.95 -26.30 3.49
N LEU B 417 12.58 -25.41 2.58
CA LEU B 417 12.91 -24.00 2.68
C LEU B 417 11.81 -23.20 3.37
N ASP B 418 10.84 -23.86 3.98
CA ASP B 418 9.72 -23.22 4.64
C ASP B 418 9.90 -23.17 6.15
N SER B 419 11.10 -23.50 6.62
CA SER B 419 11.41 -23.56 8.04
C SER B 419 11.92 -22.21 8.53
N PHE B 420 11.79 -21.97 9.83
CA PHE B 420 12.18 -20.70 10.41
C PHE B 420 13.68 -20.67 10.63
N GLY B 421 14.36 -21.77 10.30
CA GLY B 421 15.80 -21.71 10.13
C GLY B 421 16.22 -20.86 8.96
N ASN B 422 15.28 -20.55 8.06
CA ASN B 422 15.50 -19.69 6.92
C ASN B 422 15.02 -18.27 7.19
N LEU B 423 15.08 -17.82 8.45
CA LEU B 423 14.55 -16.52 8.83
C LEU B 423 15.46 -15.91 9.88
N GLU B 424 15.95 -14.70 9.60
CA GLU B 424 16.80 -13.96 10.53
C GLU B 424 16.36 -12.50 10.53
N VAL B 425 16.86 -11.74 11.50
CA VAL B 425 16.58 -10.31 11.57
C VAL B 425 17.88 -9.58 11.84
N SER B 426 18.16 -8.55 11.03
CA SER B 426 19.32 -7.71 11.24
C SER B 426 19.09 -6.75 12.39
N PRO B 427 20.15 -6.24 13.00
CA PRO B 427 20.00 -5.20 14.02
C PRO B 427 19.57 -3.89 13.38
N PRO B 428 19.18 -2.89 14.19
CA PRO B 428 18.80 -1.59 13.62
C PRO B 428 19.85 -1.03 12.67
N VAL B 429 19.42 -0.50 11.54
CA VAL B 429 20.31 -0.20 10.43
C VAL B 429 19.95 1.15 9.82
N THR B 430 20.86 1.73 9.04
CA THR B 430 20.61 3.03 8.33
C THR B 430 21.17 2.91 6.91
N VAL B 431 20.31 2.76 5.91
CA VAL B 431 20.79 2.50 4.52
C VAL B 431 20.59 3.73 3.65
N ARG B 432 21.67 4.38 3.24
CA ARG B 432 21.56 5.54 2.31
C ARG B 432 20.52 6.50 2.86
N GLY B 433 20.71 6.95 4.09
CA GLY B 433 19.80 7.94 4.68
C GLY B 433 18.66 7.32 5.44
N LYS B 434 17.92 6.38 4.84
CA LYS B 434 16.71 5.82 5.51
C LYS B 434 17.11 5.09 6.77
N GLU B 435 16.23 5.10 7.76
CA GLU B 435 16.55 4.42 9.04
C GLU B 435 15.56 3.29 9.31
N TYR B 436 16.06 2.08 9.48
CA TYR B 436 15.25 0.93 9.84
C TYR B 436 15.55 0.62 11.30
N PRO B 437 14.73 1.10 12.24
CA PRO B 437 15.09 1.01 13.66
C PRO B 437 14.73 -0.30 14.34
N LEU B 438 13.87 -1.12 13.73
CA LEU B 438 13.50 -2.40 14.30
C LEU B 438 14.20 -3.58 13.65
N GLY B 439 14.96 -3.29 12.60
CA GLY B 439 15.72 -4.31 11.89
C GLY B 439 15.26 -4.52 10.47
N ARG B 440 15.81 -5.53 9.79
CA ARG B 440 15.38 -5.90 8.42
C ARG B 440 15.40 -7.43 8.33
N ILE B 441 14.25 -8.05 8.15
CA ILE B 441 14.16 -9.54 8.08
C ILE B 441 14.93 -10.05 6.87
N LEU B 442 15.51 -11.24 6.97
CA LEU B 442 16.32 -11.87 5.93
C LEU B 442 15.88 -13.31 5.78
N PHE B 443 15.45 -13.68 4.58
CA PHE B 443 15.15 -15.07 4.24
C PHE B 443 15.86 -15.43 2.95
N GLY B 444 16.14 -16.73 2.78
CA GLY B 444 16.90 -17.23 1.65
C GLY B 444 16.01 -17.95 0.65
N ASP B 445 16.39 -17.87 -0.62
CA ASP B 445 15.67 -18.51 -1.70
C ASP B 445 16.68 -18.85 -2.79
N SER B 446 16.18 -19.14 -3.99
CA SER B 446 17.07 -19.46 -5.13
C SER B 446 17.60 -18.16 -5.76
N CYS B 447 18.38 -18.28 -6.83
CA CYS B 447 18.88 -17.09 -7.55
C CYS B 447 17.98 -16.81 -8.77
N TYR B 448 17.43 -17.86 -9.39
CA TYR B 448 16.51 -17.66 -10.53
C TYR B 448 15.59 -18.88 -10.66
N PRO B 449 14.28 -18.72 -10.90
CA PRO B 449 13.37 -19.87 -10.95
C PRO B 449 13.80 -20.88 -12.00
N SER B 450 13.54 -22.15 -11.71
CA SER B 450 13.83 -23.24 -12.63
C SER B 450 12.93 -24.42 -12.25
N ASN B 451 13.17 -25.57 -12.87
CA ASN B 451 12.39 -26.76 -12.58
C ASN B 451 12.77 -27.42 -11.27
N ASP B 452 14.06 -27.43 -10.92
CA ASP B 452 14.54 -28.08 -9.71
C ASP B 452 14.73 -27.10 -8.55
N SER B 453 14.41 -25.82 -8.73
CA SER B 453 14.61 -24.85 -7.68
C SER B 453 13.57 -25.00 -6.58
N ARG B 454 13.94 -24.53 -5.38
CA ARG B 454 13.06 -24.55 -4.22
C ARG B 454 12.85 -23.14 -3.72
N GLN B 455 11.66 -22.86 -3.22
CA GLN B 455 11.30 -21.53 -2.75
C GLN B 455 10.48 -21.64 -1.47
N MET B 456 10.50 -20.57 -0.69
CA MET B 456 9.63 -20.44 0.46
C MET B 456 8.21 -20.12 0.00
N HIS B 457 7.23 -20.68 0.69
CA HIS B 457 5.84 -20.53 0.30
C HIS B 457 5.44 -19.06 0.21
N GLN B 458 4.69 -18.72 -0.83
CA GLN B 458 4.35 -17.32 -1.09
C GLN B 458 3.46 -16.74 0.01
N ALA B 459 2.66 -17.59 0.67
CA ALA B 459 1.81 -17.10 1.75
C ALA B 459 2.65 -16.53 2.88
N LEU B 460 3.73 -17.21 3.25
CA LEU B 460 4.58 -16.73 4.33
C LEU B 460 5.26 -15.43 3.97
N GLN B 461 5.73 -15.32 2.72
CA GLN B 461 6.38 -14.08 2.28
C GLN B 461 5.39 -12.92 2.28
N ASP B 462 4.17 -13.16 1.82
CA ASP B 462 3.15 -12.12 1.85
C ASP B 462 2.80 -11.72 3.28
N PHE B 463 2.73 -12.69 4.18
CA PHE B 463 2.49 -12.38 5.59
C PHE B 463 3.59 -11.50 6.16
N LEU B 464 4.86 -11.85 5.91
CA LEU B 464 5.94 -11.05 6.43
C LEU B 464 6.02 -9.68 5.79
N SER B 465 5.66 -9.55 4.52
CA SER B 465 5.64 -8.25 3.86
C SER B 465 4.51 -7.36 4.35
N ALA B 466 3.37 -7.94 4.72
CA ALA B 466 2.28 -7.15 5.26
C ALA B 466 2.68 -6.41 6.53
N GLN B 467 3.59 -6.98 7.31
CA GLN B 467 4.16 -6.34 8.48
C GLN B 467 5.24 -5.37 8.00
N GLN B 468 4.85 -4.12 7.81
CA GLN B 468 5.71 -3.14 7.15
C GLN B 468 6.84 -2.68 8.07
N VAL B 469 6.80 -3.09 9.33
CA VAL B 469 7.81 -2.65 10.29
C VAL B 469 9.20 -3.16 9.90
N GLN B 470 9.28 -4.41 9.46
CA GLN B 470 10.54 -5.05 9.09
C GLN B 470 10.43 -5.54 7.65
N ALA B 471 10.99 -4.75 6.74
CA ALA B 471 10.93 -5.07 5.32
C ALA B 471 11.91 -6.21 5.00
N PRO B 472 11.42 -7.34 4.50
CA PRO B 472 12.31 -8.49 4.31
C PRO B 472 13.28 -8.30 3.15
N VAL B 473 14.37 -9.04 3.21
CA VAL B 473 15.39 -9.06 2.16
C VAL B 473 15.60 -10.50 1.71
N LYS B 474 15.65 -10.71 0.40
CA LYS B 474 15.82 -12.04 -0.19
C LYS B 474 17.28 -12.30 -0.46
N LEU B 475 17.79 -13.43 0.03
CA LEU B 475 19.16 -13.87 -0.19
C LEU B 475 19.17 -15.15 -1.01
N TYR B 476 20.36 -15.77 -1.11
CA TYR B 476 20.53 -17.01 -1.90
C TYR B 476 20.94 -18.14 -0.96
N SER B 477 20.08 -19.15 -0.83
CA SER B 477 20.36 -20.30 0.06
C SER B 477 19.70 -21.55 -0.53
N ASP B 478 19.97 -21.85 -1.80
CA ASP B 478 19.42 -23.07 -2.43
C ASP B 478 20.58 -23.97 -2.83
N TRP B 479 21.80 -23.43 -2.85
CA TRP B 479 22.95 -24.26 -3.14
C TRP B 479 23.26 -25.25 -2.04
N LEU B 480 22.54 -25.18 -0.92
CA LEU B 480 22.76 -26.05 0.22
C LEU B 480 21.79 -27.21 0.19
N SER B 481 22.10 -28.28 0.90
CA SER B 481 21.23 -29.48 0.89
C SER B 481 20.03 -29.23 1.79
N VAL B 482 20.24 -28.50 2.89
CA VAL B 482 19.14 -28.22 3.86
C VAL B 482 18.31 -27.07 3.32
N GLY B 483 18.96 -25.93 3.04
CA GLY B 483 18.25 -24.75 2.50
C GLY B 483 18.02 -23.63 3.51
N HIS B 484 18.97 -23.35 4.41
CA HIS B 484 18.78 -22.39 5.49
C HIS B 484 19.93 -21.40 5.52
N VAL B 485 19.59 -20.12 5.72
CA VAL B 485 20.57 -19.05 5.77
C VAL B 485 21.38 -19.09 7.05
N ASP B 486 20.91 -19.84 8.03
CA ASP B 486 21.59 -19.86 9.35
C ASP B 486 22.85 -20.69 9.26
N GLU B 487 23.20 -21.16 8.07
CA GLU B 487 24.36 -22.08 7.94
C GLU B 487 25.63 -21.22 7.78
N PHE B 488 25.49 -20.00 7.25
CA PHE B 488 26.67 -19.23 6.79
C PHE B 488 26.67 -17.81 7.38
N LEU B 489 25.55 -17.36 7.94
CA LEU B 489 25.51 -15.94 8.42
C LEU B 489 25.04 -15.84 9.86
N SER B 490 25.64 -14.94 10.64
CA SER B 490 25.20 -14.67 12.00
C SER B 490 25.56 -13.25 12.35
N PHE B 491 25.00 -12.74 13.43
CA PHE B 491 25.32 -11.42 13.95
C PHE B 491 25.78 -11.54 15.40
N VAL B 492 26.72 -10.70 15.80
CA VAL B 492 27.18 -10.75 17.18
C VAL B 492 26.94 -9.43 17.90
N PRO B 493 26.82 -9.44 19.23
CA PRO B 493 26.96 -8.20 19.99
C PRO B 493 28.37 -7.67 19.90
N ALA B 494 28.51 -6.34 19.89
CA ALA B 494 29.86 -5.74 19.74
C ALA B 494 29.83 -4.31 20.30
N PRO B 495 30.97 -3.76 20.77
CA PRO B 495 31.00 -2.43 21.35
C PRO B 495 31.61 -1.36 20.44
N ASP B 496 31.49 -1.52 19.11
CA ASP B 496 32.18 -0.57 18.20
C ASP B 496 31.33 -0.25 16.96
N ARG B 497 31.50 0.95 16.39
CA ARG B 497 30.78 1.32 15.15
C ARG B 497 29.27 1.13 15.31
N LYS B 498 28.66 0.32 14.45
CA LYS B 498 27.18 0.13 14.47
C LYS B 498 26.78 -0.77 15.64
N GLY B 499 27.75 -1.21 16.45
CA GLY B 499 27.43 -2.00 17.66
C GLY B 499 27.17 -3.45 17.34
N PHE B 500 27.64 -3.94 16.20
CA PHE B 500 27.48 -5.37 15.87
C PHE B 500 28.49 -5.79 14.80
N ARG B 501 28.74 -7.10 14.68
CA ARG B 501 29.63 -7.60 13.61
C ARG B 501 28.90 -8.71 12.86
N LEU B 502 28.97 -8.70 11.53
CA LEU B 502 28.38 -9.75 10.71
C LEU B 502 29.42 -10.87 10.56
N LEU B 503 29.10 -12.05 11.08
CA LEU B 503 29.95 -13.20 10.90
C LEU B 503 29.48 -13.96 9.66
N LEU B 504 30.41 -14.19 8.74
CA LEU B 504 30.14 -14.95 7.52
C LEU B 504 31.11 -16.12 7.42
N ALA B 505 30.61 -17.25 6.96
CA ALA B 505 31.46 -18.42 6.76
C ALA B 505 32.45 -18.17 5.62
N SER B 506 33.64 -18.77 5.75
CA SER B 506 34.74 -18.50 4.82
C SER B 506 35.56 -19.76 4.61
N PRO B 507 35.44 -20.41 3.46
CA PRO B 507 36.34 -21.53 3.15
C PRO B 507 37.77 -21.11 2.90
N ARG B 508 38.04 -19.84 2.64
CA ARG B 508 39.36 -19.37 2.27
C ARG B 508 40.24 -19.07 3.47
N SER B 509 39.67 -18.87 4.66
CA SER B 509 40.48 -18.66 5.84
C SER B 509 40.92 -19.98 6.49
N CYS B 510 40.15 -21.05 6.33
CA CYS B 510 40.56 -22.37 6.79
C CYS B 510 41.81 -22.86 6.07
N TYR B 511 41.88 -22.67 4.75
CA TYR B 511 43.06 -23.06 4.00
C TYR B 511 44.28 -22.26 4.43
N LYS B 512 44.10 -20.96 4.68
CA LYS B 512 45.18 -20.13 5.16
C LYS B 512 45.66 -20.60 6.53
N LEU B 513 44.72 -20.94 7.42
CA LEU B 513 45.09 -21.38 8.76
C LEU B 513 45.81 -22.72 8.71
N PHE B 514 45.41 -23.59 7.79
CA PHE B 514 46.10 -24.87 7.64
C PHE B 514 47.50 -24.68 7.04
N GLN B 515 47.65 -23.73 6.12
CA GLN B 515 48.95 -23.56 5.48
C GLN B 515 49.94 -22.89 6.42
N GLU B 516 49.48 -21.96 7.26
CA GLU B 516 50.38 -21.40 8.27
C GLU B 516 50.88 -22.47 9.24
N GLN B 517 50.14 -23.57 9.39
CA GLN B 517 50.56 -24.68 10.23
C GLN B 517 51.44 -25.67 9.49
N GLN B 518 51.21 -25.87 8.20
CA GLN B 518 52.07 -26.75 7.43
C GLN B 518 53.44 -26.13 7.20
N ASN B 519 53.49 -24.82 6.99
CA ASN B 519 54.77 -24.13 6.79
C ASN B 519 55.52 -23.88 8.09
N GLU B 520 55.08 -24.50 9.18
CA GLU B 520 55.80 -24.38 10.45
C GLU B 520 56.25 -25.74 10.99
N GLY B 521 55.94 -26.83 10.30
CA GLY B 521 56.45 -28.14 10.65
C GLY B 521 55.39 -29.13 11.07
N HIS B 522 54.43 -28.70 11.88
CA HIS B 522 53.38 -29.58 12.38
C HIS B 522 52.25 -29.62 11.34
N GLY B 523 52.50 -30.37 10.28
CA GLY B 523 51.54 -30.49 9.19
C GLY B 523 50.91 -31.86 9.12
N GLU B 524 51.32 -32.75 10.02
CA GLU B 524 50.76 -34.10 10.10
C GLU B 524 49.79 -34.25 11.26
N ALA B 525 49.41 -33.16 11.92
CA ALA B 525 48.42 -33.22 12.98
C ALA B 525 47.08 -33.68 12.42
N LEU B 526 46.42 -34.58 13.15
CA LEU B 526 45.21 -35.22 12.68
C LEU B 526 43.99 -34.34 12.94
N LEU B 527 43.02 -34.45 12.04
CA LEU B 527 41.75 -33.75 12.11
C LEU B 527 40.63 -34.77 12.33
N PHE B 528 39.51 -34.28 12.84
CA PHE B 528 38.35 -35.11 13.16
C PHE B 528 38.70 -36.16 14.19
N LYS B 535 35.40 -40.49 10.61
CA LYS B 535 36.74 -40.78 10.08
C LYS B 535 37.75 -39.76 10.58
N GLN B 536 38.99 -39.87 10.13
CA GLN B 536 40.04 -38.95 10.51
C GLN B 536 41.02 -38.80 9.35
N GLN B 537 41.52 -37.58 9.16
CA GLN B 537 42.47 -37.28 8.10
C GLN B 537 43.48 -36.26 8.59
N LYS B 538 44.65 -36.24 7.96
CA LYS B 538 45.70 -35.32 8.33
C LYS B 538 45.47 -33.96 7.69
N ILE B 539 46.31 -32.99 8.03
CA ILE B 539 46.21 -31.67 7.43
C ILE B 539 46.64 -31.70 5.98
N LYS B 540 47.76 -32.38 5.69
CA LYS B 540 48.30 -32.39 4.34
C LYS B 540 47.35 -33.06 3.36
N ASN B 541 46.71 -34.15 3.78
CA ASN B 541 45.80 -34.89 2.90
C ASN B 541 44.55 -34.11 2.56
N ILE B 542 44.24 -33.05 3.30
CA ILE B 542 43.13 -32.17 2.95
C ILE B 542 43.58 -31.03 2.04
N LEU B 543 44.82 -30.57 2.16
CA LEU B 543 45.34 -29.53 1.30
C LEU B 543 45.84 -30.08 -0.04
N SER B 544 45.82 -31.39 -0.22
CA SER B 544 46.26 -32.02 -1.46
C SER B 544 45.13 -32.82 -2.09
N ASN B 545 43.89 -32.37 -1.91
CA ASN B 545 42.71 -33.00 -2.51
C ASN B 545 42.16 -32.02 -3.53
N LYS B 546 42.22 -32.38 -4.81
CA LYS B 546 41.85 -31.47 -5.88
C LYS B 546 40.36 -31.45 -6.16
N THR B 547 39.58 -32.35 -5.56
CA THR B 547 38.13 -32.27 -5.71
C THR B 547 37.52 -31.35 -4.66
N LEU B 548 37.96 -31.46 -3.42
CA LEU B 548 37.47 -30.59 -2.36
C LEU B 548 37.78 -29.12 -2.67
N ARG B 549 38.92 -28.86 -3.29
CA ARG B 549 39.28 -27.48 -3.59
C ARG B 549 38.31 -26.84 -4.58
N GLU B 550 37.94 -27.58 -5.63
CA GLU B 550 36.91 -27.08 -6.54
C GLU B 550 35.57 -26.94 -5.83
N HIS B 551 35.22 -27.96 -5.03
CA HIS B 551 33.97 -27.93 -4.30
C HIS B 551 33.86 -26.68 -3.43
N ASN B 552 34.96 -26.27 -2.82
CA ASN B 552 34.96 -25.13 -1.93
C ASN B 552 35.11 -23.81 -2.66
N SER B 553 35.77 -23.80 -3.82
CA SER B 553 35.79 -22.61 -4.65
C SER B 553 34.37 -22.23 -5.09
N PHE B 554 33.57 -23.23 -5.46
CA PHE B 554 32.18 -22.95 -5.81
C PHE B 554 31.43 -22.34 -4.64
N VAL B 555 31.60 -22.89 -3.44
CA VAL B 555 30.91 -22.39 -2.26
C VAL B 555 31.34 -20.97 -1.92
N GLU B 556 32.63 -20.66 -2.05
CA GLU B 556 33.07 -19.29 -1.84
C GLU B 556 32.48 -18.33 -2.85
N ARG B 557 32.45 -18.70 -4.14
CA ARG B 557 31.76 -17.88 -5.13
C ARG B 557 30.30 -17.67 -4.80
N CYS B 558 29.65 -18.65 -4.19
CA CYS B 558 28.27 -18.51 -3.73
C CYS B 558 28.11 -17.56 -2.56
N ILE B 559 29.00 -17.64 -1.55
CA ILE B 559 28.88 -16.79 -0.38
C ILE B 559 29.22 -15.33 -0.68
N ASP B 560 30.17 -15.08 -1.60
CA ASP B 560 30.48 -13.69 -1.92
C ASP B 560 29.28 -12.94 -2.48
N TRP B 561 28.39 -13.64 -3.18
CA TRP B 561 27.18 -12.99 -3.68
C TRP B 561 26.32 -12.49 -2.53
N ASN B 562 26.13 -13.31 -1.50
CA ASN B 562 25.38 -12.90 -0.33
C ASN B 562 26.10 -11.79 0.42
N ARG B 563 27.43 -11.81 0.42
CA ARG B 563 28.20 -10.72 1.02
C ARG B 563 27.89 -9.40 0.34
N GLU B 564 27.92 -9.39 -0.99
CA GLU B 564 27.60 -8.18 -1.74
C GLU B 564 26.16 -7.74 -1.49
N LEU B 565 25.23 -8.70 -1.42
CA LEU B 565 23.85 -8.37 -1.13
C LEU B 565 23.69 -7.74 0.25
N LEU B 566 24.39 -8.27 1.24
CA LEU B 566 24.30 -7.78 2.62
C LEU B 566 25.04 -6.47 2.83
N LYS B 567 25.99 -6.12 1.96
CA LYS B 567 26.72 -4.87 2.11
C LYS B 567 26.01 -3.69 1.45
N ARG B 568 24.91 -3.93 0.74
CA ARG B 568 24.16 -2.87 0.09
C ARG B 568 22.75 -2.72 0.63
N GLU B 569 22.08 -3.81 1.00
CA GLU B 569 20.76 -3.74 1.59
C GLU B 569 20.80 -3.63 3.10
N LEU B 570 21.99 -3.65 3.70
CA LEU B 570 22.16 -3.43 5.13
C LEU B 570 23.12 -2.29 5.41
N GLY B 571 23.49 -1.51 4.39
CA GLY B 571 24.30 -0.32 4.59
C GLY B 571 25.60 -0.57 5.30
N LEU B 572 26.26 -1.69 4.99
CA LEU B 572 27.39 -2.15 5.77
C LEU B 572 28.72 -1.70 5.16
N ALA B 573 29.80 -2.08 5.82
CA ALA B 573 31.14 -1.73 5.37
C ALA B 573 32.06 -2.88 5.72
N GLU B 574 33.26 -2.88 5.13
CA GLU B 574 34.19 -4.03 5.33
C GLU B 574 34.61 -4.12 6.80
N SER B 575 34.68 -3.00 7.49
CA SER B 575 35.16 -3.02 8.87
C SER B 575 34.17 -3.67 9.84
N ASP B 576 33.09 -4.26 9.33
CA ASP B 576 32.06 -4.85 10.17
C ASP B 576 31.78 -6.31 9.82
N ILE B 577 32.62 -6.94 9.00
CA ILE B 577 32.43 -8.32 8.59
C ILE B 577 33.61 -9.13 9.11
N ILE B 578 33.31 -10.20 9.85
CA ILE B 578 34.32 -11.12 10.35
C ILE B 578 34.06 -12.48 9.71
N ASP B 579 35.11 -13.09 9.19
CA ASP B 579 35.00 -14.34 8.46
C ASP B 579 35.45 -15.50 9.33
N ILE B 580 34.57 -16.49 9.47
CA ILE B 580 34.82 -17.65 10.33
C ILE B 580 35.14 -18.84 9.44
N PRO B 581 36.26 -19.53 9.68
CA PRO B 581 36.62 -20.67 8.83
C PRO B 581 35.57 -21.75 8.78
N GLN B 582 35.32 -22.31 7.59
CA GLN B 582 34.38 -23.42 7.44
C GLN B 582 34.64 -24.10 6.11
N LEU B 583 34.84 -25.41 6.16
CA LEU B 583 35.03 -26.22 4.97
C LEU B 583 33.70 -26.84 4.54
N PHE B 584 33.50 -26.95 3.23
CA PHE B 584 32.27 -27.51 2.69
C PHE B 584 32.58 -28.65 1.73
N LYS B 585 31.57 -29.49 1.48
CA LYS B 585 31.66 -30.61 0.52
C LYS B 585 30.33 -30.65 -0.20
N LEU B 586 30.25 -31.23 -1.42
CA LEU B 586 28.98 -31.17 -2.23
C LEU B 586 28.19 -32.47 -2.10
N LYS B 587 26.97 -32.55 -2.68
CA LYS B 587 26.12 -33.76 -2.43
C LYS B 587 25.15 -34.17 -3.53
N GLU B 588 24.26 -35.12 -3.19
CA GLU B 588 23.24 -35.56 -4.16
C GLU B 588 22.66 -34.29 -4.76
N PHE B 589 22.68 -34.19 -6.08
CA PHE B 589 22.18 -32.98 -6.79
C PHE B 589 23.24 -31.89 -6.63
N SER B 590 24.48 -32.29 -6.39
CA SER B 590 25.58 -31.31 -6.19
C SER B 590 25.14 -30.19 -5.25
N LYS B 591 24.57 -30.53 -4.09
CA LYS B 591 24.17 -29.52 -3.08
C LYS B 591 25.25 -29.49 -2.01
N ALA B 592 25.41 -28.39 -1.30
CA ALA B 592 26.49 -28.20 -0.35
C ALA B 592 26.11 -28.66 1.04
N GLU B 593 27.12 -29.18 1.75
CA GLU B 593 26.94 -29.62 3.16
C GLU B 593 28.24 -29.30 3.90
N ALA B 594 28.16 -28.76 5.11
CA ALA B 594 29.35 -28.45 5.89
C ALA B 594 30.17 -29.72 6.12
N PHE B 595 31.49 -29.53 6.24
CA PHE B 595 32.41 -30.64 6.46
C PHE B 595 32.55 -30.99 7.93
N PHE B 596 32.96 -30.04 8.75
CA PHE B 596 32.86 -30.19 10.18
C PHE B 596 31.73 -29.30 10.70
N PRO B 597 31.11 -29.65 11.84
CA PRO B 597 29.91 -28.94 12.26
C PRO B 597 30.07 -27.43 12.35
N ASN B 598 29.05 -26.70 11.89
CA ASN B 598 29.14 -25.22 11.77
C ASN B 598 29.44 -24.51 13.09
N MET B 599 30.26 -23.46 13.02
CA MET B 599 30.56 -22.64 14.21
C MET B 599 29.87 -21.31 13.99
N VAL B 600 29.17 -21.18 12.86
CA VAL B 600 28.46 -19.91 12.53
C VAL B 600 27.04 -20.02 13.11
N ASN B 601 26.53 -21.23 13.30
CA ASN B 601 25.24 -21.41 13.94
C ASN B 601 25.51 -21.63 15.42
N MET B 602 25.41 -20.55 16.20
CA MET B 602 25.84 -20.55 17.59
C MET B 602 24.81 -19.85 18.47
N LEU B 603 24.78 -20.20 19.77
CA LEU B 603 23.74 -19.63 20.67
C LEU B 603 24.25 -18.38 21.38
N VAL B 604 23.59 -17.24 21.16
CA VAL B 604 24.01 -15.96 21.81
C VAL B 604 23.08 -15.72 23.00
N LEU B 605 23.34 -16.41 24.13
CA LEU B 605 22.54 -16.21 25.36
C LEU B 605 23.15 -15.03 26.13
N GLY B 606 23.87 -14.15 25.43
CA GLY B 606 24.49 -12.97 26.08
C GLY B 606 25.76 -12.52 25.41
N LYS B 607 26.44 -11.51 25.98
CA LYS B 607 27.66 -10.91 25.37
C LYS B 607 28.88 -11.84 25.45
N HIS B 608 28.75 -13.05 26.00
CA HIS B 608 29.89 -14.02 26.00
C HIS B 608 29.02 -15.35 25.62
N LEU B 609 29.21 -16.30 24.56
CA LEU B 609 28.24 -17.42 23.96
C LEU B 609 28.61 -18.93 23.59
N GLY B 610 27.76 -19.85 22.87
CA GLY B 610 28.02 -21.26 22.71
C GLY B 610 28.25 -21.64 21.27
N ILE B 611 29.44 -22.13 20.95
CA ILE B 611 29.86 -22.43 19.58
C ILE B 611 30.07 -23.93 19.46
N PRO B 612 29.50 -24.59 18.45
CA PRO B 612 29.69 -26.03 18.30
C PRO B 612 31.15 -26.39 18.08
N LYS B 613 31.52 -27.59 18.52
CA LYS B 613 32.95 -28.01 18.46
C LYS B 613 33.39 -28.21 17.02
N PRO B 614 34.60 -27.76 16.66
CA PRO B 614 35.11 -27.97 15.33
C PRO B 614 35.71 -29.38 15.21
N PHE B 615 36.07 -30.01 16.33
CA PHE B 615 36.78 -31.33 16.28
C PHE B 615 37.90 -31.17 15.28
N GLY B 616 38.69 -30.10 15.40
CA GLY B 616 39.72 -29.78 14.44
C GLY B 616 41.11 -30.21 14.88
N PRO B 617 42.12 -29.82 14.10
CA PRO B 617 43.50 -30.19 14.43
C PRO B 617 43.94 -29.56 15.73
N VAL B 618 44.80 -30.26 16.44
CA VAL B 618 45.38 -29.79 17.70
C VAL B 618 46.79 -29.31 17.42
N ILE B 619 47.10 -28.10 17.89
CA ILE B 619 48.42 -27.52 17.74
C ILE B 619 48.79 -26.85 19.05
N ASN B 620 49.94 -27.23 19.61
CA ASN B 620 50.42 -26.73 20.89
C ASN B 620 49.33 -26.88 21.96
N GLY B 621 48.84 -28.09 22.13
CA GLY B 621 47.83 -28.38 23.14
C GLY B 621 46.52 -27.62 22.99
N ARG B 622 46.13 -27.32 21.75
CA ARG B 622 44.91 -26.48 21.54
C ARG B 622 44.45 -26.61 20.09
N CYS B 623 43.13 -26.60 19.85
CA CYS B 623 42.61 -26.64 18.49
C CYS B 623 42.86 -25.33 17.77
N CYS B 624 43.41 -25.43 16.57
CA CYS B 624 43.78 -24.27 15.78
C CYS B 624 42.58 -23.42 15.36
N LEU B 625 41.50 -24.07 14.93
CA LEU B 625 40.29 -23.33 14.59
C LEU B 625 39.77 -22.56 15.80
N GLU B 626 39.80 -23.20 16.97
CA GLU B 626 39.35 -22.54 18.20
C GLU B 626 40.22 -21.33 18.51
N GLU B 627 41.53 -21.47 18.36
CA GLU B 627 42.42 -20.34 18.62
C GLU B 627 42.11 -19.19 17.68
N LYS B 628 41.77 -19.47 16.41
CA LYS B 628 41.54 -18.34 15.45
C LYS B 628 40.22 -17.63 15.77
N VAL B 629 39.16 -18.38 16.09
CA VAL B 629 37.82 -17.75 16.32
C VAL B 629 37.83 -16.95 17.62
N CYS B 630 38.64 -17.37 18.56
CA CYS B 630 38.74 -16.69 19.86
C CYS B 630 39.69 -15.51 19.71
N SER B 631 40.61 -15.60 18.77
CA SER B 631 41.45 -14.44 18.51
C SER B 631 40.77 -13.38 17.64
N LEU B 632 39.73 -13.73 16.90
CA LEU B 632 38.98 -12.73 16.13
C LEU B 632 37.80 -12.16 16.88
N LEU B 633 37.18 -12.91 17.79
CA LEU B 633 35.96 -12.51 18.46
C LEU B 633 36.20 -11.85 19.82
N GLU B 634 37.06 -12.44 20.64
CA GLU B 634 37.31 -11.96 22.00
C GLU B 634 37.79 -10.50 22.08
N PRO B 635 38.67 -10.02 21.20
CA PRO B 635 39.17 -8.64 21.38
C PRO B 635 38.08 -7.56 21.40
N LEU B 636 36.96 -7.81 20.73
CA LEU B 636 35.83 -6.83 20.80
C LEU B 636 35.35 -6.79 22.25
N GLY B 637 35.28 -7.94 22.93
CA GLY B 637 34.80 -8.00 24.29
C GLY B 637 33.80 -9.10 24.58
N LEU B 638 33.69 -10.06 23.69
CA LEU B 638 32.81 -11.20 23.90
C LEU B 638 33.57 -12.29 24.67
N GLN B 639 32.89 -13.34 25.11
CA GLN B 639 33.53 -14.48 25.74
C GLN B 639 32.93 -15.75 25.16
N CYS B 640 33.83 -16.65 24.74
CA CYS B 640 33.37 -17.83 23.97
C CYS B 640 33.60 -19.17 24.65
N THR B 641 32.62 -20.06 24.56
CA THR B 641 32.68 -21.43 25.04
C THR B 641 32.47 -22.36 23.86
N PHE B 642 32.74 -23.64 24.06
CA PHE B 642 32.61 -24.63 23.00
C PHE B 642 31.90 -25.87 23.53
N ILE B 643 30.78 -26.22 22.91
CA ILE B 643 29.98 -27.38 23.25
C ILE B 643 29.95 -28.31 22.06
N ASN B 644 29.53 -29.55 22.27
CA ASN B 644 29.27 -30.48 21.16
C ASN B 644 27.76 -30.50 20.93
N ASP B 645 27.37 -30.69 19.68
CA ASP B 645 25.96 -30.63 19.31
C ASP B 645 25.73 -31.28 17.95
N GLY B 659 17.90 -28.42 20.98
CA GLY B 659 17.01 -27.32 20.69
C GLY B 659 17.04 -26.24 21.75
N THR B 660 17.10 -24.97 21.32
CA THR B 660 17.16 -23.85 22.25
C THR B 660 16.56 -22.63 21.57
N ASN B 661 15.60 -22.00 22.26
CA ASN B 661 15.01 -20.73 21.82
C ASN B 661 15.25 -19.72 22.91
N VAL B 662 15.72 -18.53 22.55
CA VAL B 662 16.07 -17.50 23.57
C VAL B 662 15.10 -16.33 23.49
N ARG B 663 13.96 -16.40 24.19
CA ARG B 663 13.03 -15.30 24.25
C ARG B 663 13.76 -14.06 24.73
N ARG B 664 13.56 -12.94 24.03
CA ARG B 664 14.40 -11.76 24.26
C ARG B 664 13.60 -10.55 24.66
N LYS B 665 14.28 -9.41 24.74
CA LYS B 665 13.68 -8.18 25.22
C LYS B 665 13.05 -7.43 24.06
N PRO B 666 11.73 -7.12 24.10
CA PRO B 666 11.12 -6.30 23.05
C PRO B 666 11.95 -5.05 22.77
N PHE B 667 11.96 -4.59 21.51
CA PHE B 667 12.72 -3.37 21.14
C PHE B 667 12.18 -2.17 21.92
N SER B 668 12.98 -1.10 21.99
CA SER B 668 12.49 0.15 22.63
C SER B 668 11.75 1.00 21.60
N PHE B 669 12.34 1.19 20.42
CA PHE B 669 11.72 2.07 19.41
C PHE B 669 10.27 1.66 19.22
N LYS B 670 9.37 2.60 19.48
CA LYS B 670 7.96 2.31 19.29
C LYS B 670 7.64 2.26 17.81
N TRP B 671 7.08 1.13 17.38
CA TRP B 671 6.92 0.86 15.95
C TRP B 671 6.05 1.90 15.27
N TRP B 672 5.12 2.50 16.02
CA TRP B 672 4.22 3.49 15.44
C TRP B 672 4.94 4.81 15.21
N ASN B 673 6.12 5.00 15.81
CA ASN B 673 6.90 6.21 15.59
C ASN B 673 7.77 6.11 14.35
N MET B 674 7.84 4.92 13.75
CA MET B 674 8.60 4.72 12.50
C MET B 674 7.75 5.20 11.33
N VAL B 675 8.38 5.56 10.22
CA VAL B 675 7.66 5.99 9.02
C VAL B 675 8.07 5.08 7.87
N PRO B 676 7.40 3.93 7.69
CA PRO B 676 7.66 2.99 6.61
C PRO B 676 7.64 3.62 5.22
CA CA C . -22.92 7.39 -14.42
CA CA D . -3.31 -4.31 -29.72
CA CA E . -1.06 -12.48 -28.20
CA CA F . 17.09 -17.99 12.69
CA CA G . -5.59 -11.57 27.35
CA CA H . -13.00 -13.66 24.21
#